data_8FXC
#
_entry.id   8FXC
#
loop_
_entity.id
_entity.type
_entity.pdbx_description
1 polymer 'S309 Light chain'
2 polymer 'S309 Heavy chain'
3 polymer 'Processed angiotensin-converting enzyme 2'
4 polymer 'Spike protein S1'
5 branched alpha-L-fucopyranose-(1-6)-2-acetamido-2-deoxy-beta-D-glucopyranose
6 non-polymer 2-acetamido-2-deoxy-beta-D-glucopyranose
7 non-polymer 'ZINC ION'
#
loop_
_entity_poly.entity_id
_entity_poly.type
_entity_poly.pdbx_seq_one_letter_code
_entity_poly.pdbx_strand_id
1 'polypeptide(L)'
;EIVLTQSPGTLSLSPGERATLSCRASQTVSSTSLAWYQQKPGQAPRLLIYGASSRATGIPDRFSGSGSGTDFTLTISRLE
PEDFAVYYCQQHDTSLTFGGGTKVEIKRTVAAPSVFIFPPSDEQLKSGTASVVCLLNNFYPREAKVQWKVDNALQSGNSQ
ESVTEQDSKDSTYSLSSTLTLSKADYEKHKVYACEVTHQGLSSPVTKSFNRGEC
;
L
2 'polypeptide(L)'
;QVQLVQSGAEVKKPGASVKVSCKASGYPFTSYGISWVRQAPGQGLEWMGWISTYNGNTNYAQKFQGRVTMTTDTSTTTGY
MELRRLRSDDTAVYYCARDYTRGAWFGESLIGGFDNWGQGTLVTVSSASTKGPSVFPLAPSSKSTSGGTAALGCLVKDYF
PEPVTVSWNSGALTSGVHTFPAVLQSSGLYSLSSVVTVPSSSLGTQTYICNVNHKPSNTKVDKKVEPKSCDKTHTCPPCP
APELLAGPSVFLFPPKPKDTLMISRTPEVTCVVVDVSHEDPEVKFNWYVDGVEVHNAKTKPREEQYNSTYRVVSVLTVLH
QDWLNGKEYKCKVSNKALPLPEEKTISKAKGQPREPQVYTLPPSRDELTKNQVSLTCLVKGFYPSDIAVEWESNGQPENN
YKTTPPVLDSDGSFFLYSKLTVDKSRWQQGNVFSCSVLHEALHSHYTQKSLSLSPGK
;
H
3 'polypeptide(L)'
;STIEEQAKTFLDKFNHEAEDLFYQSSLASWNYNTNITEENVQNMNNAGDKWSAFLKEQSTLAQMYPLQEIQNLTVKLQLQ
ALQQNGSSVLSEDKSKRLNTILNTMSTIYSTGKVCNPDNPQECLLLEPGLNEIMANSLDYNERLWAWESWRSEVGKQLRP
LYEEYVVLKNEMARANHYEDYGDYWRGDYEVNGVDGYDYSRGQLIEDVEHTFEEIKPLYEHLHAYVRAKLMNAYPSYISP
IGCLPAHLLGDMWGRFWTNLYSLTVPFGQKPNIDVTDAMVDQAWDAQRIFKEAEKFFVSVGLPNMTQGFWENSMLTDPGN
VQKAVCHPTAWDLGKGDFRILMCTKVTMDDFLTAHHEMGHIQYDMAYAAQPFLLRNGANEGFHEAVGEIMSLSAATPKHL
KSIGLLSPDFQEDNETEINFLLKQALTIVGTLPFTYMLEKWRWMVFKGEIPKDQWMKKWWEMKREIVGVVEPVPHDETYC
DPASLFHVSNDYSFIRYYTRTLYQFQFQEALCQAAKHEGPLHKCDISNSTEAGQKLFNMLRLGKSEPWTLALENVVGAKN
MNVRPLLNYFEPLFTWLKDQNKNSFVGWSTDWSPYADLVPRGSSAWSHPQFEKGGGSGGGSGGSAWSHPQFEKGSHHHHH
HHHHHGGG
;
A
4 'polypeptide(L)'
;MARAWIFFLLCLAGRALARFPNITNLCPFDEVFNATTFASVYAWNRKRISNCVADYSVLYNFAPFFAFKCYGVSPTKLND
LCFTNVYADSFVIRGNEVSQIAPGQTGNIADYNYKLPDDFTGCVIAWNSNKLDSTVGGNYNYRYRLFRKSKLKPFERDIS
TEIYQAGNKPCNGVAGVNCYFPLQSYGFRPTYGVGHQPYRVVVLSFELLHAPATVCGPKKSTGGLNDIFEAQKIEWHEGS
GHHHHHHHH
;
E
#
# COMPACT_ATOMS: atom_id res chain seq x y z
N ILE A 2 -25.74 26.50 2.09
CA ILE A 2 -24.31 26.81 2.01
C ILE A 2 -24.14 28.17 1.34
N VAL A 3 -23.09 28.89 1.76
CA VAL A 3 -22.74 30.19 1.18
C VAL A 3 -21.40 30.10 0.46
N LEU A 4 -21.39 30.52 -0.80
CA LEU A 4 -20.17 30.47 -1.60
C LEU A 4 -19.55 31.85 -1.75
N THR A 5 -18.25 31.95 -1.52
CA THR A 5 -17.51 33.20 -1.65
C THR A 5 -16.38 33.06 -2.64
N GLN A 6 -16.33 33.96 -3.63
CA GLN A 6 -15.29 33.89 -4.65
C GLN A 6 -14.26 35.00 -4.47
N SER A 7 -13.05 34.75 -4.94
CA SER A 7 -11.96 35.70 -4.81
C SER A 7 -10.84 35.44 -5.82
N PRO A 8 -10.16 36.51 -6.26
CA PRO A 8 -10.43 37.93 -6.06
C PRO A 8 -11.66 38.37 -6.82
N GLY A 9 -12.33 39.39 -6.32
CA GLY A 9 -13.52 39.92 -6.98
C GLY A 9 -13.23 40.41 -8.40
N THR A 10 -12.04 40.98 -8.59
CA THR A 10 -11.65 41.49 -9.89
C THR A 10 -10.26 41.03 -10.30
N LEU A 11 -10.16 39.80 -10.78
CA LEU A 11 -8.89 39.24 -11.21
C LEU A 11 -8.58 39.62 -12.66
N SER A 12 -8.34 40.91 -12.87
CA SER A 12 -8.03 41.41 -14.21
C SER A 12 -6.53 41.44 -14.46
N LEU A 13 -6.05 40.48 -15.24
CA LEU A 13 -4.64 40.36 -15.56
C LEU A 13 -4.41 40.34 -17.08
N SER A 14 -3.17 40.62 -17.48
CA SER A 14 -2.82 40.67 -18.90
C SER A 14 -2.99 39.32 -19.60
N PRO A 15 -3.44 39.34 -20.86
CA PRO A 15 -3.69 38.18 -21.69
C PRO A 15 -2.39 37.46 -21.98
N GLY A 16 -2.47 36.14 -22.13
CA GLY A 16 -1.29 35.34 -22.39
C GLY A 16 -0.74 34.69 -21.12
N GLU A 17 -1.19 35.19 -19.96
CA GLU A 17 -0.74 34.61 -18.70
C GLU A 17 -1.80 33.68 -18.13
N ARG A 18 -1.51 33.06 -16.99
CA ARG A 18 -2.45 32.17 -16.33
C ARG A 18 -3.39 32.94 -15.41
N ALA A 19 -4.65 32.51 -15.36
CA ALA A 19 -5.63 33.12 -14.46
C ALA A 19 -6.29 32.06 -13.59
N THR A 20 -6.18 32.22 -12.27
CA THR A 20 -6.77 31.26 -11.34
C THR A 20 -7.79 31.92 -10.41
N LEU A 21 -8.99 31.33 -10.37
CA LEU A 21 -10.08 31.80 -9.50
C LEU A 21 -10.36 30.79 -8.41
N SER A 22 -10.81 31.28 -7.24
CA SER A 22 -11.20 30.38 -6.16
C SER A 22 -12.63 30.58 -5.74
N CYS A 23 -13.27 29.54 -5.18
CA CYS A 23 -14.56 29.53 -4.64
C CYS A 23 -14.59 28.70 -3.30
N ARG A 24 -14.83 29.42 -2.22
CA ARG A 24 -14.80 28.79 -0.90
C ARG A 24 -16.20 28.56 -0.38
N ALA A 25 -16.40 27.43 0.29
CA ALA A 25 -17.71 27.12 0.83
C ALA A 25 -17.71 27.24 2.35
N SER A 26 -18.78 27.79 2.89
CA SER A 26 -18.96 27.88 4.35
C SER A 26 -19.16 26.50 4.98
N GLN A 27 -19.56 25.55 4.15
CA GLN A 27 -19.76 24.16 4.58
C GLN A 27 -19.18 23.22 3.55
N THR A 28 -18.83 22.00 3.97
CA THR A 28 -18.35 20.99 3.04
C THR A 28 -19.43 20.62 2.05
N VAL A 29 -19.07 20.54 0.78
CA VAL A 29 -20.03 20.15 -0.26
C VAL A 29 -19.51 19.00 -1.08
N SER A 30 -20.43 18.25 -1.69
CA SER A 30 -20.05 17.17 -2.57
C SER A 30 -19.24 17.67 -3.75
N SER A 31 -18.20 16.94 -4.11
CA SER A 31 -17.33 17.33 -5.21
C SER A 31 -18.00 17.15 -6.55
N THR A 32 -19.15 16.51 -6.57
CA THR A 32 -19.86 16.26 -7.81
C THR A 32 -21.04 17.21 -7.98
N SER A 33 -21.23 18.11 -7.01
CA SER A 33 -22.38 19.01 -7.01
C SER A 33 -21.98 20.46 -7.23
N LEU A 34 -20.77 20.68 -7.74
CA LEU A 34 -20.28 22.04 -7.97
C LEU A 34 -20.02 22.29 -9.45
N ALA A 35 -20.30 23.50 -9.90
CA ALA A 35 -20.16 23.86 -11.31
C ALA A 35 -19.69 25.31 -11.47
N TRP A 36 -19.13 25.61 -12.64
CA TRP A 36 -18.71 26.97 -12.97
C TRP A 36 -19.41 27.48 -14.22
N TYR A 37 -19.75 28.77 -14.22
CA TYR A 37 -20.38 29.42 -15.36
C TYR A 37 -19.55 30.61 -15.84
N GLN A 38 -19.67 30.92 -17.13
CA GLN A 38 -18.99 32.07 -17.72
C GLN A 38 -19.99 33.00 -18.42
N GLN A 39 -20.04 34.26 -18.00
CA GLN A 39 -20.96 35.22 -18.60
C GLN A 39 -20.26 36.33 -19.35
N LYS A 40 -20.41 36.34 -20.67
CA LYS A 40 -19.87 37.41 -21.47
C LYS A 40 -20.76 38.64 -21.34
N PRO A 41 -20.23 39.85 -21.50
CA PRO A 41 -20.96 41.09 -21.46
C PRO A 41 -22.11 41.11 -22.45
N GLY A 42 -23.27 41.58 -21.99
CA GLY A 42 -24.43 41.79 -22.84
C GLY A 42 -25.20 40.52 -23.19
N GLN A 43 -24.90 39.40 -22.52
CA GLN A 43 -25.57 38.16 -22.90
C GLN A 43 -25.69 37.14 -21.76
N ALA A 44 -26.39 36.05 -22.04
CA ALA A 44 -26.61 34.98 -21.08
C ALA A 44 -25.31 34.23 -20.80
N PRO A 45 -25.17 33.67 -19.59
CA PRO A 45 -24.09 32.82 -19.16
C PRO A 45 -24.14 31.44 -19.80
N ARG A 46 -23.01 30.75 -19.81
CA ARG A 46 -22.95 29.38 -20.29
C ARG A 46 -22.27 28.47 -19.28
N LEU A 47 -22.63 27.19 -19.29
CA LEU A 47 -21.97 26.22 -18.44
C LEU A 47 -20.56 25.96 -18.91
N LEU A 48 -19.60 26.11 -18.02
CA LEU A 48 -18.20 25.96 -18.36
C LEU A 48 -17.65 24.63 -17.86
N ILE A 49 -17.88 24.35 -16.57
CA ILE A 49 -17.42 23.12 -15.93
C ILE A 49 -18.51 22.56 -15.02
N TYR A 50 -18.66 21.24 -15.00
CA TYR A 50 -19.62 20.60 -14.11
C TYR A 50 -18.98 19.43 -13.39
N GLY A 51 -19.52 19.06 -12.23
CA GLY A 51 -18.95 17.96 -11.47
C GLY A 51 -17.56 18.32 -10.95
N ALA A 52 -17.38 19.61 -10.66
CA ALA A 52 -16.11 20.19 -10.19
C ALA A 52 -15.04 20.25 -11.29
N SER A 53 -14.76 19.11 -11.94
CA SER A 53 -13.65 19.05 -12.87
C SER A 53 -14.01 18.65 -14.31
N SER A 54 -15.24 18.20 -14.55
CA SER A 54 -15.58 17.74 -15.89
C SER A 54 -15.91 18.90 -16.81
N ARG A 55 -15.24 18.95 -17.94
CA ARG A 55 -15.43 20.05 -18.89
C ARG A 55 -16.75 19.91 -19.62
N ALA A 56 -17.48 21.02 -19.74
CA ALA A 56 -18.75 21.03 -20.46
C ALA A 56 -18.52 20.89 -21.96
N THR A 57 -19.51 20.36 -22.67
CA THR A 57 -19.39 20.18 -24.10
C THR A 57 -19.31 21.51 -24.85
N GLY A 58 -18.36 21.60 -25.77
CA GLY A 58 -18.19 22.79 -26.59
C GLY A 58 -17.17 23.75 -25.99
N ILE A 59 -16.69 23.43 -24.80
CA ILE A 59 -15.71 24.29 -24.11
C ILE A 59 -14.28 23.90 -24.47
N PRO A 60 -13.43 24.86 -24.85
CA PRO A 60 -12.02 24.74 -25.13
C PRO A 60 -11.25 24.07 -24.00
N ASP A 61 -10.20 23.35 -24.35
CA ASP A 61 -9.44 22.57 -23.39
C ASP A 61 -8.42 23.37 -22.60
N ARG A 62 -8.44 24.69 -22.76
CA ARG A 62 -7.59 25.56 -21.96
C ARG A 62 -8.20 25.77 -20.58
N PHE A 63 -9.46 25.37 -20.43
CA PHE A 63 -10.15 25.49 -19.15
C PHE A 63 -10.04 24.19 -18.35
N SER A 64 -9.73 24.32 -17.07
CA SER A 64 -9.64 23.15 -16.18
C SER A 64 -10.13 23.47 -14.78
N GLY A 65 -10.86 22.54 -14.18
CA GLY A 65 -11.36 22.73 -12.84
C GLY A 65 -10.88 21.63 -11.90
N SER A 66 -10.89 21.91 -10.60
CA SER A 66 -10.52 20.93 -9.59
C SER A 66 -10.98 21.40 -8.22
N GLY A 67 -10.93 20.52 -7.23
CA GLY A 67 -11.23 20.93 -5.87
C GLY A 67 -11.96 19.85 -5.07
N SER A 68 -12.07 20.10 -3.76
CA SER A 68 -12.72 19.18 -2.84
C SER A 68 -13.03 19.88 -1.54
N GLY A 69 -13.84 19.27 -0.69
CA GLY A 69 -14.11 19.83 0.62
C GLY A 69 -14.79 21.18 0.51
N THR A 70 -14.11 22.21 1.01
CA THR A 70 -14.61 23.57 1.03
C THR A 70 -13.77 24.51 0.17
N ASP A 71 -12.88 23.95 -0.64
CA ASP A 71 -11.98 24.79 -1.45
C ASP A 71 -11.90 24.31 -2.89
N PHE A 72 -12.54 25.04 -3.79
CA PHE A 72 -12.57 24.69 -5.21
C PHE A 72 -11.94 25.80 -6.05
N THR A 73 -11.30 25.42 -7.15
CA THR A 73 -10.67 26.40 -8.02
C THR A 73 -10.93 26.17 -9.51
N LEU A 74 -10.69 27.22 -10.29
CA LEU A 74 -10.76 27.17 -11.74
C LEU A 74 -9.52 27.82 -12.32
N THR A 75 -8.90 27.16 -13.30
CA THR A 75 -7.70 27.73 -13.90
C THR A 75 -7.78 27.80 -15.42
N ILE A 76 -7.27 28.89 -15.97
CA ILE A 76 -7.13 29.06 -17.41
C ILE A 76 -5.65 29.05 -17.75
N SER A 77 -5.22 28.04 -18.51
CA SER A 77 -3.79 27.85 -18.76
C SER A 77 -3.17 29.04 -19.49
N ARG A 78 -3.96 29.68 -20.35
CA ARG A 78 -3.52 30.86 -21.08
C ARG A 78 -4.71 31.76 -21.38
N LEU A 79 -4.78 32.88 -20.69
CA LEU A 79 -5.91 33.78 -20.80
C LEU A 79 -6.00 34.38 -22.20
N GLU A 80 -7.17 34.24 -22.82
CA GLU A 80 -7.42 34.81 -24.15
C GLU A 80 -8.20 36.12 -24.03
N PRO A 81 -8.15 36.98 -25.04
CA PRO A 81 -8.93 38.21 -25.17
C PRO A 81 -10.43 37.99 -24.97
N GLU A 82 -10.90 36.79 -25.29
CA GLU A 82 -12.32 36.48 -25.18
C GLU A 82 -12.70 35.94 -23.80
N ASP A 83 -11.71 35.78 -22.93
CA ASP A 83 -11.96 35.22 -21.60
C ASP A 83 -12.19 36.29 -20.55
N PHE A 84 -12.19 37.54 -20.95
CA PHE A 84 -12.39 38.63 -20.01
C PHE A 84 -13.87 38.81 -19.73
N ALA A 85 -14.39 37.87 -18.96
CA ALA A 85 -15.82 37.76 -18.67
C ALA A 85 -16.04 37.58 -17.18
N VAL A 86 -17.29 37.46 -16.77
CA VAL A 86 -17.60 37.25 -15.36
C VAL A 86 -17.88 35.79 -15.07
N TYR A 87 -17.13 35.23 -14.13
CA TYR A 87 -17.27 33.82 -13.78
C TYR A 87 -18.03 33.65 -12.48
N TYR A 88 -18.84 32.60 -12.41
CA TYR A 88 -19.59 32.29 -11.21
C TYR A 88 -19.38 30.83 -10.79
N CYS A 89 -19.38 30.56 -9.49
CA CYS A 89 -19.41 29.19 -8.98
C CYS A 89 -20.81 28.86 -8.45
N GLN A 90 -21.19 27.60 -8.59
CA GLN A 90 -22.49 27.12 -8.15
C GLN A 90 -22.38 25.84 -7.34
N GLN A 91 -23.30 25.65 -6.41
CA GLN A 91 -23.46 24.36 -5.76
C GLN A 91 -24.93 23.99 -5.69
N HIS A 92 -25.23 22.72 -5.88
CA HIS A 92 -26.60 22.25 -5.74
C HIS A 92 -26.66 21.00 -4.88
N ASP A 93 -25.78 20.95 -3.89
CA ASP A 93 -25.79 19.85 -2.92
C ASP A 93 -26.96 20.06 -1.98
N THR A 94 -27.12 21.30 -1.53
CA THR A 94 -28.29 21.72 -0.76
C THR A 94 -28.96 22.87 -1.46
N SER A 95 -30.25 22.71 -1.77
CA SER A 95 -30.94 23.69 -2.58
C SER A 95 -30.11 24.01 -3.82
N LEU A 96 -30.02 25.28 -4.17
CA LEU A 96 -29.14 25.69 -5.24
C LEU A 96 -28.74 27.14 -5.05
N THR A 97 -27.43 27.39 -4.99
CA THR A 97 -26.94 28.74 -4.77
C THR A 97 -25.78 29.09 -5.69
N PHE A 98 -25.63 30.38 -5.95
CA PHE A 98 -24.52 30.90 -6.73
C PHE A 98 -23.61 31.75 -5.87
N GLY A 99 -22.34 31.83 -6.25
CA GLY A 99 -21.39 32.71 -5.58
C GLY A 99 -21.54 34.14 -6.09
N GLY A 100 -20.78 35.05 -5.50
CA GLY A 100 -20.85 36.47 -5.86
C GLY A 100 -20.43 36.74 -7.30
N GLY A 101 -19.44 35.99 -7.77
CA GLY A 101 -18.92 36.15 -9.13
C GLY A 101 -17.66 36.99 -9.16
N THR A 102 -16.81 36.71 -10.15
CA THR A 102 -15.56 37.46 -10.33
C THR A 102 -15.39 37.93 -11.77
N LYS A 103 -14.80 39.10 -11.94
CA LYS A 103 -14.56 39.64 -13.28
C LYS A 103 -13.08 39.54 -13.67
N VAL A 104 -12.80 38.87 -14.79
CA VAL A 104 -11.44 38.72 -15.30
C VAL A 104 -11.21 39.70 -16.45
N VAL B 2 -30.51 22.60 -30.09
CA VAL B 2 -31.07 22.94 -28.79
C VAL B 2 -31.06 24.44 -28.60
N GLN B 3 -32.26 25.04 -28.49
CA GLN B 3 -32.42 26.47 -28.27
C GLN B 3 -33.55 26.75 -27.28
N LEU B 4 -33.43 27.85 -26.56
CA LEU B 4 -34.49 28.34 -25.70
C LEU B 4 -34.82 29.78 -26.06
N VAL B 5 -36.06 30.02 -26.44
CA VAL B 5 -36.49 31.34 -26.89
C VAL B 5 -37.49 31.96 -25.93
N GLN B 6 -37.12 33.08 -25.34
CA GLN B 6 -37.99 33.75 -24.37
C GLN B 6 -38.72 34.93 -24.97
N SER B 7 -39.80 35.33 -24.32
CA SER B 7 -40.62 36.48 -24.72
C SER B 7 -39.87 37.79 -24.56
N GLY B 8 -40.45 38.87 -25.08
CA GLY B 8 -39.81 40.18 -25.03
C GLY B 8 -39.99 40.87 -23.67
N ALA B 9 -39.39 42.04 -23.53
CA ALA B 9 -39.44 42.78 -22.27
C ALA B 9 -40.84 43.30 -21.99
N GLU B 10 -41.14 43.46 -20.70
CA GLU B 10 -42.43 43.99 -20.26
C GLU B 10 -42.26 45.04 -19.17
N VAL B 11 -43.22 45.95 -19.07
CA VAL B 11 -43.23 46.95 -18.01
C VAL B 11 -44.46 46.81 -17.15
N LYS B 12 -44.26 46.66 -15.84
CA LYS B 12 -45.34 46.46 -14.90
C LYS B 12 -45.30 47.46 -13.76
N LYS B 13 -46.47 47.73 -13.18
CA LYS B 13 -46.53 48.58 -11.99
C LYS B 13 -46.48 47.70 -10.74
N PRO B 14 -45.97 48.22 -9.62
CA PRO B 14 -45.86 47.53 -8.33
C PRO B 14 -47.19 46.90 -7.93
N GLY B 15 -47.13 45.65 -7.49
CA GLY B 15 -48.31 44.90 -7.09
C GLY B 15 -48.84 44.02 -8.22
N ALA B 16 -48.40 44.30 -9.45
CA ALA B 16 -48.81 43.54 -10.63
C ALA B 16 -48.07 42.23 -10.72
N SER B 17 -48.56 41.34 -11.57
CA SER B 17 -47.88 40.07 -11.82
C SER B 17 -47.35 40.01 -13.25
N VAL B 18 -46.26 39.26 -13.43
CA VAL B 18 -45.68 39.07 -14.76
C VAL B 18 -45.56 37.59 -15.08
N LYS B 19 -45.93 37.22 -16.30
CA LYS B 19 -45.80 35.84 -16.76
C LYS B 19 -44.83 35.75 -17.93
N VAL B 20 -43.70 35.10 -17.70
CA VAL B 20 -42.65 35.01 -18.71
C VAL B 20 -42.65 33.64 -19.36
N SER B 21 -42.78 33.60 -20.68
CA SER B 21 -42.79 32.32 -21.40
C SER B 21 -41.39 31.93 -21.89
N CYS B 22 -41.20 30.64 -22.15
CA CYS B 22 -39.96 30.06 -22.68
C CYS B 22 -40.25 28.93 -23.64
N LYS B 23 -39.79 29.01 -24.86
CA LYS B 23 -40.05 28.00 -25.88
C LYS B 23 -38.82 27.12 -26.09
N ALA B 24 -39.00 25.81 -25.93
CA ALA B 24 -37.89 24.88 -26.00
C ALA B 24 -38.03 23.99 -27.22
N SER B 25 -36.92 23.78 -27.92
CA SER B 25 -36.90 22.86 -29.06
C SER B 25 -35.51 22.28 -29.31
N GLY B 26 -35.43 21.19 -30.08
CA GLY B 26 -34.15 20.55 -30.41
C GLY B 26 -33.83 19.37 -29.51
N TYR B 27 -34.69 19.08 -28.55
CA TYR B 27 -34.48 17.97 -27.63
C TYR B 27 -35.80 17.43 -27.10
N PRO B 28 -35.84 16.20 -26.58
CA PRO B 28 -36.97 15.60 -25.89
C PRO B 28 -37.36 16.44 -24.69
N PHE B 29 -38.53 17.07 -24.78
CA PHE B 29 -38.95 18.02 -23.77
C PHE B 29 -39.04 17.37 -22.39
N THR B 30 -39.59 16.17 -22.33
CA THR B 30 -39.89 15.52 -21.07
C THR B 30 -38.71 14.77 -20.46
N SER B 31 -37.53 14.92 -21.05
CA SER B 31 -36.33 14.29 -20.51
C SER B 31 -35.52 15.26 -19.63
N TYR B 32 -35.83 16.55 -19.68
CA TYR B 32 -35.07 17.54 -18.93
C TYR B 32 -35.99 18.51 -18.21
N GLY B 33 -35.55 18.99 -17.06
CA GLY B 33 -36.32 19.98 -16.31
C GLY B 33 -36.04 21.40 -16.78
N ILE B 34 -36.82 22.35 -16.26
CA ILE B 34 -36.62 23.77 -16.57
C ILE B 34 -36.41 24.58 -15.30
N SER B 35 -35.36 25.40 -15.31
CA SER B 35 -35.00 26.20 -14.16
C SER B 35 -35.04 27.69 -14.48
N TRP B 36 -35.26 28.51 -13.46
CA TRP B 36 -35.40 29.96 -13.74
C TRP B 36 -34.48 30.80 -12.83
N VAL B 37 -33.25 31.06 -13.25
CA VAL B 37 -32.33 31.97 -12.49
C VAL B 37 -32.68 33.41 -12.86
N ARG B 38 -32.34 34.37 -12.00
CA ARG B 38 -32.68 35.80 -12.24
C ARG B 38 -31.43 36.64 -11.98
N GLN B 39 -31.19 37.68 -12.78
CA GLN B 39 -30.03 38.56 -12.51
C GLN B 39 -30.48 40.01 -12.58
N ALA B 40 -30.33 40.73 -11.46
CA ALA B 40 -30.69 42.16 -11.42
C ALA B 40 -29.47 43.02 -11.76
N PRO B 41 -29.66 44.21 -12.37
CA PRO B 41 -28.56 45.06 -12.81
C PRO B 41 -27.53 45.24 -11.70
N GLY B 42 -26.27 44.96 -12.03
CA GLY B 42 -25.17 45.13 -11.09
C GLY B 42 -25.02 43.95 -10.13
N GLN B 43 -25.90 42.95 -10.26
CA GLN B 43 -25.88 41.81 -9.35
C GLN B 43 -25.48 40.51 -10.03
N GLY B 44 -25.33 39.48 -9.21
CA GLY B 44 -25.00 38.15 -9.74
C GLY B 44 -26.30 37.40 -9.95
N LEU B 45 -26.23 36.07 -10.09
CA LEU B 45 -27.46 35.32 -10.45
C LEU B 45 -28.17 34.86 -9.16
N GLU B 46 -29.50 34.76 -9.18
CA GLU B 46 -30.28 34.36 -7.98
C GLU B 46 -31.33 33.32 -8.38
N TRP B 47 -31.18 32.08 -7.92
CA TRP B 47 -32.08 30.99 -8.30
C TRP B 47 -33.50 31.24 -7.81
N MET B 48 -34.47 31.00 -8.67
CA MET B 48 -35.90 31.25 -8.33
C MET B 48 -36.64 29.92 -8.11
N GLY B 49 -36.31 28.89 -8.90
CA GLY B 49 -36.97 27.58 -8.74
C GLY B 49 -36.73 26.64 -9.92
N TRP B 50 -37.19 25.40 -9.76
CA TRP B 50 -37.05 24.35 -10.76
C TRP B 50 -38.36 23.61 -10.93
N ILE B 51 -38.72 23.30 -12.18
CA ILE B 51 -39.94 22.54 -12.43
C ILE B 51 -39.73 21.33 -13.35
N SER B 52 -40.29 20.20 -12.94
CA SER B 52 -40.29 18.99 -13.74
C SER B 52 -41.22 19.13 -14.92
N THR B 53 -40.84 18.55 -16.06
CA THR B 53 -41.67 18.56 -17.25
C THR B 53 -42.42 17.25 -17.39
N TYR B 54 -42.26 16.37 -16.42
CA TYR B 54 -42.89 15.05 -16.44
C TYR B 54 -43.89 14.90 -15.30
N ASN B 55 -43.45 15.12 -14.06
CA ASN B 55 -44.36 14.91 -12.90
C ASN B 55 -44.99 16.24 -12.48
N GLY B 56 -44.42 17.38 -12.91
CA GLY B 56 -45.00 18.69 -12.59
C GLY B 56 -44.54 19.21 -11.24
N ASN B 57 -43.74 18.41 -10.55
CA ASN B 57 -43.22 18.78 -9.23
C ASN B 57 -42.36 20.04 -9.33
N THR B 58 -42.48 20.91 -8.34
CA THR B 58 -41.70 22.15 -8.35
C THR B 58 -40.91 22.33 -7.07
N ASN B 59 -39.68 22.81 -7.20
CA ASN B 59 -38.80 23.09 -6.09
C ASN B 59 -38.44 24.58 -6.09
N TYR B 60 -38.90 25.31 -5.07
CA TYR B 60 -38.73 26.76 -5.05
C TYR B 60 -37.60 27.20 -4.15
N ALA B 61 -36.99 28.34 -4.51
CA ALA B 61 -36.01 29.00 -3.65
C ALA B 61 -36.70 29.52 -2.39
N GLN B 62 -35.95 29.61 -1.31
CA GLN B 62 -36.52 29.89 0.01
C GLN B 62 -37.36 31.15 0.19
N LYS B 63 -36.97 32.21 -0.52
CA LYS B 63 -37.65 33.53 -0.36
C LYS B 63 -38.53 33.85 -1.55
N PHE B 64 -38.84 32.87 -2.40
CA PHE B 64 -39.76 33.13 -3.53
C PHE B 64 -41.03 32.28 -3.34
N GLN B 65 -41.04 31.43 -2.31
CA GLN B 65 -42.21 30.55 -2.06
C GLN B 65 -43.39 31.44 -1.69
N GLY B 66 -44.49 31.35 -2.45
CA GLY B 66 -45.66 32.21 -2.22
C GLY B 66 -45.94 33.07 -3.44
N ARG B 67 -44.91 33.79 -3.93
CA ARG B 67 -45.06 34.63 -5.13
C ARG B 67 -44.86 33.78 -6.40
N VAL B 68 -43.71 33.12 -6.53
CA VAL B 68 -43.38 32.37 -7.79
C VAL B 68 -44.40 31.25 -8.02
N THR B 69 -44.76 31.01 -9.27
CA THR B 69 -45.66 29.89 -9.63
C THR B 69 -45.20 29.37 -10.99
N MET B 70 -44.95 28.07 -11.12
CA MET B 70 -44.36 27.53 -12.34
C MET B 70 -45.25 26.48 -12.97
N THR B 71 -45.24 26.45 -14.30
CA THR B 71 -46.02 25.47 -15.04
C THR B 71 -45.41 25.22 -16.42
N THR B 72 -45.70 24.07 -17.00
CA THR B 72 -45.23 23.77 -18.35
C THR B 72 -46.35 23.17 -19.19
N ASP B 73 -46.22 23.31 -20.50
CA ASP B 73 -47.17 22.71 -21.43
C ASP B 73 -46.44 21.88 -22.49
N THR B 74 -46.57 20.57 -22.38
CA THR B 74 -45.81 19.64 -23.22
C THR B 74 -46.20 19.71 -24.69
N SER B 75 -47.49 19.85 -24.96
CA SER B 75 -48.01 19.80 -26.32
C SER B 75 -47.36 20.86 -27.21
N THR B 76 -47.10 22.03 -26.63
CA THR B 76 -46.46 23.12 -27.35
C THR B 76 -45.03 23.36 -26.85
N THR B 77 -44.50 22.38 -26.12
CA THR B 77 -43.17 22.44 -25.52
C THR B 77 -42.78 23.85 -25.09
N THR B 78 -43.60 24.44 -24.23
CA THR B 78 -43.35 25.78 -23.70
C THR B 78 -43.47 25.80 -22.19
N GLY B 79 -42.51 26.45 -21.54
CA GLY B 79 -42.53 26.63 -20.10
C GLY B 79 -43.05 28.02 -19.75
N TYR B 80 -43.53 28.17 -18.53
CA TYR B 80 -43.97 29.48 -18.04
C TYR B 80 -43.51 29.76 -16.61
N MET B 81 -43.20 31.01 -16.31
CA MET B 81 -42.93 31.36 -14.90
C MET B 81 -43.77 32.60 -14.61
N GLU B 82 -44.45 32.61 -13.48
CA GLU B 82 -45.33 33.76 -13.09
C GLU B 82 -45.02 34.27 -11.69
N LEU B 83 -44.15 35.28 -11.57
CA LEU B 83 -43.86 35.91 -10.26
C LEU B 83 -45.06 36.78 -9.91
N ARG B 84 -45.31 37.03 -8.62
CA ARG B 84 -46.55 37.78 -8.26
C ARG B 84 -46.25 38.86 -7.21
N ARG B 85 -47.10 39.90 -7.16
CA ARG B 85 -46.91 41.01 -6.19
C ARG B 85 -45.54 41.65 -6.45
N LEU B 86 -45.29 42.10 -7.68
CA LEU B 86 -43.99 42.65 -8.00
C LEU B 86 -43.60 43.83 -7.12
N ARG B 87 -42.37 43.79 -6.63
CA ARG B 87 -41.86 44.88 -5.78
C ARG B 87 -40.85 45.69 -6.60
N SER B 88 -40.43 46.84 -6.09
CA SER B 88 -39.41 47.66 -6.75
C SER B 88 -38.14 46.86 -6.98
N ASP B 89 -37.78 46.00 -6.01
CA ASP B 89 -36.54 45.19 -6.12
C ASP B 89 -36.71 44.12 -7.20
N ASP B 90 -37.93 43.90 -7.69
CA ASP B 90 -38.15 42.79 -8.67
C ASP B 90 -37.77 43.23 -10.07
N THR B 91 -36.97 44.30 -10.23
CA THR B 91 -36.52 44.62 -11.57
C THR B 91 -35.27 43.80 -11.90
N ALA B 92 -35.31 43.08 -13.03
CA ALA B 92 -34.14 42.28 -13.45
C ALA B 92 -34.40 41.52 -14.76
N VAL B 93 -33.43 40.72 -15.21
CA VAL B 93 -33.56 39.92 -16.46
C VAL B 93 -33.76 38.45 -16.07
N TYR B 94 -34.93 37.88 -16.34
CA TYR B 94 -35.23 36.49 -15.92
C TYR B 94 -34.80 35.52 -17.01
N TYR B 95 -33.83 34.64 -16.73
CA TYR B 95 -33.34 33.67 -17.67
C TYR B 95 -34.05 32.33 -17.54
N CYS B 96 -34.36 31.73 -18.69
CA CYS B 96 -34.88 30.37 -18.80
C CYS B 96 -33.70 29.45 -19.06
N ALA B 97 -33.60 28.37 -18.30
CA ALA B 97 -32.50 27.45 -18.49
C ALA B 97 -32.94 25.99 -18.45
N ARG B 98 -32.31 25.16 -19.27
CA ARG B 98 -32.52 23.73 -19.25
C ARG B 98 -31.49 23.11 -18.32
N ASP B 99 -31.95 22.37 -17.32
CA ASP B 99 -31.01 21.87 -16.33
C ASP B 99 -30.70 20.40 -16.48
N TYR B 100 -29.55 20.02 -15.92
CA TYR B 100 -29.20 18.65 -15.68
C TYR B 100 -28.71 18.53 -14.24
N THR B 101 -29.45 19.16 -13.32
CA THR B 101 -29.08 19.16 -11.91
C THR B 101 -30.03 18.30 -11.10
N ARG B 102 -31.21 18.04 -11.65
CA ARG B 102 -32.17 17.16 -10.98
C ARG B 102 -32.92 16.32 -12.01
N GLY B 103 -33.13 15.06 -11.69
CA GLY B 103 -33.84 14.16 -12.59
C GLY B 103 -35.27 14.61 -12.79
N ALA B 104 -35.76 14.45 -14.01
CA ALA B 104 -37.12 14.87 -14.33
C ALA B 104 -38.15 13.85 -13.87
N TRP B 105 -37.76 12.57 -13.80
CA TRP B 105 -38.72 11.53 -13.44
C TRP B 105 -38.66 11.13 -11.96
N PHE B 106 -37.45 10.95 -11.43
CA PHE B 106 -37.33 10.46 -10.06
C PHE B 106 -37.12 11.58 -9.04
N GLY B 107 -36.65 12.74 -9.51
CA GLY B 107 -36.43 13.88 -8.62
C GLY B 107 -35.10 13.81 -7.87
N GLU B 108 -34.25 12.88 -8.26
CA GLU B 108 -32.94 12.69 -7.63
C GLU B 108 -31.91 13.65 -8.20
N SER B 109 -31.00 14.13 -7.35
CA SER B 109 -29.98 15.07 -7.80
C SER B 109 -29.00 14.43 -8.78
N LEU B 110 -28.62 15.19 -9.80
CA LEU B 110 -27.69 14.72 -10.84
C LEU B 110 -26.38 15.50 -10.85
N ILE B 111 -25.38 14.92 -11.50
CA ILE B 111 -24.10 15.58 -11.69
C ILE B 111 -24.11 16.38 -12.99
N GLY B 112 -24.20 17.70 -12.87
CA GLY B 112 -24.35 18.55 -14.04
C GLY B 112 -24.48 20.02 -13.65
N GLY B 113 -25.25 20.74 -14.45
CA GLY B 113 -25.44 22.17 -14.31
C GLY B 113 -26.55 22.62 -15.25
N PHE B 114 -26.56 23.91 -15.58
CA PHE B 114 -27.56 24.45 -16.49
C PHE B 114 -27.00 24.49 -17.90
N ASP B 115 -27.49 23.58 -18.76
CA ASP B 115 -26.86 23.31 -20.03
C ASP B 115 -27.09 24.40 -21.06
N ASN B 116 -28.30 24.94 -21.07
CA ASN B 116 -28.68 25.91 -22.10
C ASN B 116 -29.48 27.05 -21.51
N TRP B 117 -29.06 28.27 -21.81
CA TRP B 117 -29.73 29.47 -21.31
C TRP B 117 -30.39 30.24 -22.43
N GLY B 118 -31.54 30.85 -22.15
CA GLY B 118 -32.21 31.69 -23.13
C GLY B 118 -31.58 33.07 -23.16
N GLN B 119 -32.13 33.97 -23.98
CA GLN B 119 -31.53 35.28 -24.16
C GLN B 119 -31.74 36.21 -22.97
N GLY B 120 -32.75 35.94 -22.14
CA GLY B 120 -33.03 36.75 -20.98
C GLY B 120 -34.19 37.72 -21.23
N THR B 121 -35.18 37.71 -20.34
CA THR B 121 -36.33 38.60 -20.46
C THR B 121 -36.27 39.71 -19.45
N LEU B 122 -36.24 40.95 -19.92
CA LEU B 122 -36.16 42.09 -19.02
C LEU B 122 -37.53 42.53 -18.54
N VAL B 123 -37.71 42.56 -17.23
CA VAL B 123 -38.95 43.02 -16.63
C VAL B 123 -38.70 44.28 -15.81
N THR B 124 -39.39 45.35 -16.17
CA THR B 124 -39.24 46.62 -15.49
C THR B 124 -40.40 46.86 -14.52
N VAL B 125 -40.06 47.33 -13.31
CA VAL B 125 -41.03 47.67 -12.25
C VAL B 125 -40.45 48.74 -11.32
N SER C 1 -22.17 -21.84 17.62
CA SER C 1 -22.62 -22.54 18.81
C SER C 1 -21.47 -23.27 19.54
N THR C 2 -20.44 -23.66 18.77
CA THR C 2 -19.26 -24.35 19.28
C THR C 2 -18.02 -23.51 19.09
N ILE C 3 -16.89 -23.96 19.61
CA ILE C 3 -15.66 -23.18 19.55
C ILE C 3 -15.18 -23.00 18.11
N GLU C 4 -15.29 -24.04 17.29
CA GLU C 4 -14.85 -23.93 15.91
C GLU C 4 -15.58 -22.76 15.22
N GLU C 5 -16.89 -22.70 15.42
CA GLU C 5 -17.73 -21.69 14.78
C GLU C 5 -17.52 -20.29 15.39
N GLN C 6 -17.38 -20.23 16.71
CA GLN C 6 -17.18 -18.95 17.37
C GLN C 6 -15.81 -18.39 17.04
N ALA C 7 -14.82 -19.25 16.91
CA ALA C 7 -13.47 -18.84 16.62
C ALA C 7 -13.37 -18.17 15.25
N LYS C 8 -14.01 -18.78 14.24
CA LYS C 8 -13.96 -18.19 12.92
C LYS C 8 -14.80 -16.93 12.82
N THR C 9 -15.88 -16.86 13.58
CA THR C 9 -16.70 -15.65 13.59
C THR C 9 -15.91 -14.48 14.15
N PHE C 10 -15.19 -14.72 15.23
CA PHE C 10 -14.33 -13.72 15.86
C PHE C 10 -13.27 -13.21 14.88
N LEU C 11 -12.58 -14.14 14.24
CA LEU C 11 -11.55 -13.78 13.27
C LEU C 11 -12.13 -13.10 12.05
N ASP C 12 -13.39 -13.43 11.70
CA ASP C 12 -14.03 -12.84 10.54
C ASP C 12 -14.61 -11.46 10.85
N LYS C 13 -14.17 -10.84 11.95
CA LYS C 13 -14.54 -9.42 12.27
C LYS C 13 -13.20 -8.73 12.51
N PHE C 14 -12.24 -9.44 13.08
CA PHE C 14 -10.90 -8.91 13.26
C PHE C 14 -10.29 -8.59 11.90
N ASN C 15 -10.41 -9.54 10.97
CA ASN C 15 -9.79 -9.41 9.66
C ASN C 15 -10.44 -8.35 8.77
N HIS C 16 -11.42 -7.61 9.31
CA HIS C 16 -12.13 -6.54 8.55
C HIS C 16 -12.02 -5.17 9.24
N GLU C 17 -11.91 -5.14 10.57
CA GLU C 17 -11.73 -3.86 11.33
C GLU C 17 -10.26 -3.64 11.66
N ALA C 18 -9.43 -4.67 11.50
CA ALA C 18 -8.03 -4.54 11.86
C ALA C 18 -7.25 -3.92 10.72
N GLU C 19 -7.68 -4.22 9.49
CA GLU C 19 -7.02 -3.69 8.30
C GLU C 19 -7.11 -2.19 8.21
N ASP C 20 -8.22 -1.62 8.68
CA ASP C 20 -8.41 -0.18 8.61
C ASP C 20 -7.50 0.50 9.61
N LEU C 21 -7.45 -0.02 10.83
CA LEU C 21 -6.60 0.55 11.85
C LEU C 21 -5.14 0.42 11.47
N PHE C 22 -4.78 -0.72 10.89
CA PHE C 22 -3.43 -0.95 10.43
C PHE C 22 -3.06 0.04 9.34
N TYR C 23 -3.94 0.20 8.35
CA TYR C 23 -3.70 1.12 7.26
C TYR C 23 -3.40 2.52 7.77
N GLN C 24 -4.23 2.99 8.71
CA GLN C 24 -4.11 4.34 9.23
C GLN C 24 -2.76 4.59 9.91
N SER C 25 -2.29 3.62 10.68
CA SER C 25 -0.99 3.78 11.34
C SER C 25 0.17 3.59 10.37
N SER C 26 -0.04 2.80 9.33
CA SER C 26 0.99 2.57 8.32
C SER C 26 1.16 3.80 7.45
N LEU C 27 0.03 4.43 7.11
CA LEU C 27 0.05 5.64 6.30
C LEU C 27 0.66 6.80 7.07
N ALA C 28 0.30 6.93 8.34
CA ALA C 28 0.85 8.00 9.16
C ALA C 28 2.37 7.87 9.23
N SER C 29 2.85 6.63 9.37
CA SER C 29 4.28 6.38 9.40
C SER C 29 4.93 6.77 8.07
N TRP C 30 4.31 6.37 6.96
CA TRP C 30 4.81 6.72 5.65
C TRP C 30 5.00 8.23 5.53
N ASN C 31 3.97 8.98 5.88
CA ASN C 31 4.01 10.44 5.75
C ASN C 31 5.19 11.01 6.52
N TYR C 32 5.44 10.50 7.72
CA TYR C 32 6.60 10.92 8.50
C TYR C 32 7.91 10.65 7.78
N ASN C 33 8.06 9.46 7.24
CA ASN C 33 9.32 9.08 6.60
C ASN C 33 9.59 9.90 5.35
N THR C 34 8.55 10.30 4.64
CA THR C 34 8.73 11.16 3.47
C THR C 34 8.73 12.66 3.79
N ASN C 35 8.14 13.02 4.94
CA ASN C 35 8.02 14.45 5.35
C ASN C 35 8.11 14.53 6.86
N ILE C 36 9.25 14.99 7.38
CA ILE C 36 9.50 15.01 8.83
C ILE C 36 9.19 16.37 9.43
N THR C 37 8.12 16.39 10.20
CA THR C 37 7.64 17.60 10.89
C THR C 37 7.15 17.22 12.28
N GLU C 38 7.03 18.19 13.16
CA GLU C 38 6.47 17.94 14.48
C GLU C 38 5.04 17.43 14.37
N GLU C 39 4.30 17.97 13.42
CA GLU C 39 2.92 17.59 13.19
C GLU C 39 2.80 16.13 12.79
N ASN C 40 3.70 15.67 11.94
CA ASN C 40 3.66 14.28 11.49
C ASN C 40 4.11 13.32 12.58
N VAL C 41 4.94 13.79 13.51
CA VAL C 41 5.36 12.93 14.62
C VAL C 41 4.19 12.62 15.53
N GLN C 42 3.43 13.64 15.93
CA GLN C 42 2.31 13.41 16.83
C GLN C 42 1.20 12.62 16.12
N ASN C 43 1.10 12.79 14.81
CA ASN C 43 0.10 12.05 14.05
C ASN C 43 0.48 10.57 14.00
N MET C 44 1.76 10.31 13.74
CA MET C 44 2.28 8.95 13.71
C MET C 44 2.11 8.26 15.05
N ASN C 45 2.41 8.98 16.13
CA ASN C 45 2.32 8.41 17.47
C ASN C 45 0.89 8.15 17.89
N ASN C 46 -0.03 9.05 17.53
CA ASN C 46 -1.42 8.86 17.89
C ASN C 46 -2.01 7.65 17.18
N ALA C 47 -1.72 7.52 15.90
CA ALA C 47 -2.22 6.39 15.13
C ALA C 47 -1.59 5.09 15.64
N GLY C 48 -0.32 5.17 16.02
CA GLY C 48 0.38 4.01 16.55
C GLY C 48 -0.26 3.52 17.84
N ASP C 49 -0.58 4.43 18.74
CA ASP C 49 -1.21 4.07 20.01
C ASP C 49 -2.56 3.42 19.81
N LYS C 50 -3.34 3.90 18.83
CA LYS C 50 -4.65 3.32 18.57
C LYS C 50 -4.53 1.88 18.08
N TRP C 51 -3.57 1.62 17.19
CA TRP C 51 -3.33 0.28 16.69
C TRP C 51 -2.85 -0.65 17.78
N SER C 52 -1.92 -0.17 18.60
CA SER C 52 -1.36 -1.00 19.66
C SER C 52 -2.42 -1.34 20.70
N ALA C 53 -3.22 -0.35 21.07
CA ALA C 53 -4.28 -0.57 22.04
C ALA C 53 -5.30 -1.56 21.51
N PHE C 54 -5.59 -1.49 20.22
CA PHE C 54 -6.51 -2.40 19.57
C PHE C 54 -6.07 -3.85 19.71
N LEU C 55 -4.82 -4.13 19.39
CA LEU C 55 -4.32 -5.49 19.47
C LEU C 55 -4.35 -6.01 20.89
N LYS C 56 -4.05 -5.12 21.85
CA LYS C 56 -4.05 -5.53 23.25
C LYS C 56 -5.45 -5.90 23.73
N GLU C 57 -6.48 -5.25 23.19
CA GLU C 57 -7.84 -5.57 23.56
C GLU C 57 -8.30 -6.89 22.93
N GLN C 58 -8.01 -7.08 21.65
CA GLN C 58 -8.43 -8.29 20.95
C GLN C 58 -7.76 -9.51 21.55
N SER C 59 -6.53 -9.34 22.00
CA SER C 59 -5.74 -10.41 22.60
C SER C 59 -6.43 -11.03 23.81
N THR C 60 -7.29 -10.27 24.49
CA THR C 60 -7.92 -10.78 25.71
C THR C 60 -9.29 -11.38 25.42
N LEU C 61 -9.71 -11.32 24.17
CA LEU C 61 -10.97 -11.90 23.74
C LEU C 61 -10.70 -13.25 23.10
N ALA C 62 -9.52 -13.37 22.50
CA ALA C 62 -9.10 -14.59 21.81
C ALA C 62 -8.86 -15.72 22.80
N GLN C 63 -8.73 -15.38 24.07
CA GLN C 63 -8.38 -16.33 25.11
C GLN C 63 -9.47 -17.36 25.35
N MET C 64 -10.69 -17.06 24.95
CA MET C 64 -11.81 -17.95 25.23
C MET C 64 -12.07 -18.95 24.10
N TYR C 65 -11.16 -19.03 23.14
CA TYR C 65 -11.30 -19.99 22.04
C TYR C 65 -10.10 -20.94 22.02
N PRO C 66 -10.06 -21.92 22.93
CA PRO C 66 -8.93 -22.80 23.18
C PRO C 66 -8.64 -23.64 21.94
N LEU C 67 -7.37 -23.84 21.65
CA LEU C 67 -6.96 -24.52 20.43
C LEU C 67 -7.29 -26.00 20.46
N GLN C 68 -7.55 -26.53 21.65
CA GLN C 68 -7.88 -27.94 21.81
C GLN C 68 -9.17 -28.31 21.09
N GLU C 69 -10.10 -27.36 21.00
CA GLU C 69 -11.41 -27.63 20.40
C GLU C 69 -11.49 -27.12 18.97
N ILE C 70 -10.36 -26.70 18.40
CA ILE C 70 -10.34 -26.19 17.03
C ILE C 70 -9.52 -27.11 16.13
N GLN C 71 -10.14 -27.59 15.06
CA GLN C 71 -9.49 -28.55 14.17
C GLN C 71 -8.85 -27.90 12.94
N ASN C 72 -9.50 -26.87 12.36
CA ASN C 72 -9.08 -26.26 11.12
C ASN C 72 -7.79 -25.42 11.30
N LEU C 73 -6.75 -25.80 10.54
CA LEU C 73 -5.42 -25.22 10.65
C LEU C 73 -5.40 -23.73 10.34
N THR C 74 -6.30 -23.26 9.49
CA THR C 74 -6.28 -21.86 9.11
C THR C 74 -6.88 -20.98 10.22
N VAL C 75 -7.49 -21.62 11.20
CA VAL C 75 -8.02 -20.91 12.35
C VAL C 75 -7.00 -20.94 13.47
N LYS C 76 -6.43 -22.13 13.72
CA LYS C 76 -5.44 -22.28 14.77
C LYS C 76 -4.22 -21.40 14.51
N LEU C 77 -3.82 -21.29 13.25
CA LEU C 77 -2.67 -20.46 12.88
C LEU C 77 -2.92 -18.98 13.18
N GLN C 78 -4.16 -18.56 13.05
CA GLN C 78 -4.50 -17.15 13.30
C GLN C 78 -4.71 -16.87 14.78
N LEU C 79 -5.32 -17.81 15.50
CA LEU C 79 -5.55 -17.59 16.91
C LEU C 79 -4.28 -17.66 17.73
N GLN C 80 -3.41 -18.62 17.45
CA GLN C 80 -2.22 -18.79 18.27
C GLN C 80 -1.31 -17.57 18.18
N ALA C 81 -1.41 -16.82 17.08
CA ALA C 81 -0.62 -15.62 16.90
C ALA C 81 -1.27 -14.41 17.58
N LEU C 82 -2.53 -14.57 17.98
CA LEU C 82 -3.33 -13.51 18.55
C LEU C 82 -3.71 -13.82 20.00
N GLN C 83 -3.17 -14.92 20.52
CA GLN C 83 -3.43 -15.34 21.90
C GLN C 83 -2.21 -15.14 22.78
N GLN C 84 -1.04 -14.95 22.17
CA GLN C 84 0.19 -14.78 22.95
C GLN C 84 0.10 -13.52 23.80
N ASN C 85 0.48 -13.63 25.09
CA ASN C 85 0.36 -12.53 26.07
C ASN C 85 1.52 -11.52 25.96
N GLY C 86 2.59 -11.85 25.24
CA GLY C 86 3.74 -10.96 25.11
C GLY C 86 4.38 -10.71 26.48
N SER C 87 4.71 -9.45 26.76
CA SER C 87 5.31 -9.10 28.05
C SER C 87 4.22 -8.95 29.10
N SER C 88 2.96 -8.94 28.67
CA SER C 88 1.85 -8.72 29.58
C SER C 88 1.45 -10.01 30.29
N VAL C 89 2.44 -10.66 30.88
CA VAL C 89 2.23 -11.87 31.65
C VAL C 89 2.84 -11.67 33.03
N LEU C 90 3.56 -10.57 33.18
CA LEU C 90 4.21 -10.23 34.43
C LEU C 90 3.39 -9.23 35.22
N SER C 91 3.75 -9.06 36.48
CA SER C 91 3.12 -8.07 37.34
C SER C 91 3.36 -6.68 36.77
N GLU C 92 2.45 -5.75 37.08
CA GLU C 92 2.54 -4.39 36.53
C GLU C 92 3.90 -3.74 36.76
N ASP C 93 4.48 -3.96 37.94
CA ASP C 93 5.75 -3.34 38.27
C ASP C 93 6.88 -3.95 37.45
N LYS C 94 6.86 -5.28 37.34
CA LYS C 94 7.86 -5.99 36.56
C LYS C 94 7.76 -5.65 35.07
N SER C 95 6.54 -5.49 34.58
CA SER C 95 6.33 -5.15 33.18
C SER C 95 6.91 -3.76 32.88
N LYS C 96 6.63 -2.80 33.76
CA LYS C 96 7.16 -1.46 33.57
C LYS C 96 8.67 -1.45 33.67
N ARG C 97 9.21 -2.21 34.62
CA ARG C 97 10.69 -2.28 34.80
C ARG C 97 11.32 -2.83 33.51
N LEU C 98 10.72 -3.88 32.96
CA LEU C 98 11.27 -4.48 31.75
C LEU C 98 11.38 -3.43 30.65
N ASN C 99 10.31 -2.69 30.44
CA ASN C 99 10.22 -1.73 29.34
C ASN C 99 11.17 -0.55 29.50
N THR C 100 11.41 -0.10 30.72
CA THR C 100 12.34 1.02 30.91
C THR C 100 13.78 0.58 30.67
N ILE C 101 14.08 -0.67 31.00
CA ILE C 101 15.43 -1.20 30.75
C ILE C 101 15.66 -1.33 29.26
N LEU C 102 14.68 -1.88 28.57
CA LEU C 102 14.78 -2.09 27.14
C LEU C 102 14.90 -0.75 26.40
N ASN C 103 14.18 0.27 26.87
CA ASN C 103 14.26 1.59 26.28
C ASN C 103 15.63 2.21 26.52
N THR C 104 16.14 2.06 27.73
CA THR C 104 17.43 2.64 28.09
C THR C 104 18.54 2.08 27.23
N MET C 105 18.51 0.79 26.99
CA MET C 105 19.56 0.13 26.23
C MET C 105 19.64 0.70 24.82
N SER C 106 18.49 0.97 24.22
CA SER C 106 18.42 1.54 22.88
C SER C 106 19.07 2.92 22.80
N THR C 107 18.84 3.75 23.81
CA THR C 107 19.37 5.12 23.77
C THR C 107 20.88 5.15 23.95
N ILE C 108 21.43 4.23 24.74
CA ILE C 108 22.88 4.20 24.95
C ILE C 108 23.60 3.83 23.66
N TYR C 109 23.09 2.83 22.95
CA TYR C 109 23.67 2.43 21.69
C TYR C 109 23.55 3.52 20.62
N SER C 110 22.34 4.04 20.45
CA SER C 110 22.06 4.98 19.37
C SER C 110 22.65 6.37 19.58
N THR C 111 22.85 6.77 20.84
CA THR C 111 23.37 8.09 21.14
C THR C 111 24.61 7.98 22.03
N GLY C 112 25.55 7.13 21.62
CA GLY C 112 26.82 7.00 22.33
C GLY C 112 27.94 7.64 21.52
N LYS C 113 28.95 8.14 22.23
CA LYS C 113 30.07 8.84 21.56
C LYS C 113 31.39 8.24 22.06
N VAL C 114 32.51 8.63 21.46
CA VAL C 114 33.85 8.09 21.83
C VAL C 114 34.89 9.18 21.58
N CYS C 115 35.99 9.17 22.34
CA CYS C 115 37.06 10.19 22.18
C CYS C 115 38.21 9.91 23.15
N CYS C 123 34.51 14.35 20.27
CA CYS C 123 34.17 12.90 20.40
C CYS C 123 33.42 12.47 19.13
N LEU C 124 33.78 11.30 18.59
CA LEU C 124 33.07 10.77 17.40
C LEU C 124 32.04 9.75 17.88
N LEU C 125 30.84 9.79 17.32
CA LEU C 125 29.80 8.80 17.70
C LEU C 125 30.16 7.50 16.97
N LEU C 126 29.17 6.71 16.55
CA LEU C 126 29.51 5.52 15.75
C LEU C 126 29.51 5.95 14.28
N GLU C 127 28.41 6.55 13.82
CA GLU C 127 28.32 6.92 12.41
C GLU C 127 28.11 8.43 12.24
N PRO C 128 28.75 9.01 11.23
CA PRO C 128 29.86 8.54 10.40
C PRO C 128 31.20 8.77 11.08
N GLY C 129 31.55 7.93 12.06
CA GLY C 129 32.79 8.16 12.82
C GLY C 129 33.60 6.91 13.11
N LEU C 130 33.17 6.10 14.07
CA LEU C 130 33.93 4.88 14.45
C LEU C 130 33.69 3.80 13.38
N ASN C 131 32.68 3.95 12.52
CA ASN C 131 32.49 3.04 11.41
C ASN C 131 33.19 3.52 10.14
N GLU C 132 33.66 4.77 10.15
CA GLU C 132 34.40 5.29 9.01
C GLU C 132 35.86 4.89 9.17
N ILE C 133 36.36 4.98 10.41
CA ILE C 133 37.76 4.60 10.74
C ILE C 133 37.91 3.09 10.56
N MET C 134 36.86 2.35 10.89
CA MET C 134 36.89 0.90 10.79
C MET C 134 36.81 0.41 9.34
N ALA C 135 36.17 1.18 8.48
CA ALA C 135 36.01 0.80 7.08
C ALA C 135 37.16 1.27 6.20
N ASN C 136 37.76 2.41 6.55
CA ASN C 136 38.75 3.04 5.68
C ASN C 136 39.98 3.52 6.41
N SER C 137 40.66 2.63 7.13
CA SER C 137 41.88 3.01 7.82
C SER C 137 42.89 1.87 7.84
N LEU C 138 43.96 2.01 7.09
CA LEU C 138 44.99 0.96 7.06
C LEU C 138 46.01 1.27 8.14
N ASP C 139 45.57 1.19 9.39
CA ASP C 139 46.41 1.53 10.54
C ASP C 139 46.03 0.71 11.77
N TYR C 140 46.88 -0.25 12.10
CA TYR C 140 46.62 -1.19 13.18
C TYR C 140 46.23 -0.49 14.50
N ASN C 141 47.00 0.53 14.87
CA ASN C 141 46.80 1.19 16.16
C ASN C 141 45.57 2.09 16.18
N GLU C 142 45.31 2.79 15.08
CA GLU C 142 44.13 3.64 15.03
C GLU C 142 42.86 2.79 15.07
N ARG C 143 42.91 1.64 14.41
CA ARG C 143 41.76 0.76 14.35
C ARG C 143 41.48 0.17 15.71
N LEU C 144 42.53 -0.27 16.40
CA LEU C 144 42.37 -0.88 17.71
C LEU C 144 41.75 0.11 18.67
N TRP C 145 42.19 1.37 18.63
CA TRP C 145 41.56 2.39 19.51
C TRP C 145 40.05 2.46 19.23
N ALA C 146 39.65 2.61 17.96
CA ALA C 146 38.22 2.76 17.70
C ALA C 146 37.45 1.56 18.22
N TRP C 147 38.02 0.38 18.04
CA TRP C 147 37.38 -0.87 18.46
C TRP C 147 37.22 -0.94 19.97
N GLU C 148 38.31 -0.73 20.69
CA GLU C 148 38.35 -0.85 22.14
C GLU C 148 37.54 0.25 22.80
N SER C 149 37.56 1.45 22.23
CA SER C 149 36.86 2.57 22.81
C SER C 149 35.37 2.31 22.87
N TRP C 150 34.79 1.87 21.76
CA TRP C 150 33.35 1.58 21.73
C TRP C 150 32.99 0.50 22.75
N ARG C 151 33.81 -0.54 22.83
CA ARG C 151 33.48 -1.67 23.67
C ARG C 151 33.52 -1.28 25.16
N SER C 152 34.48 -0.45 25.53
CA SER C 152 34.64 -0.08 26.94
C SER C 152 33.76 1.10 27.36
N GLU C 153 33.35 1.95 26.42
CA GLU C 153 32.57 3.12 26.79
C GLU C 153 31.06 2.88 26.82
N VAL C 154 30.52 2.14 25.84
CA VAL C 154 29.08 1.87 25.86
C VAL C 154 28.78 0.40 26.12
N GLY C 155 29.64 -0.49 25.65
CA GLY C 155 29.43 -1.92 25.88
C GLY C 155 29.42 -2.22 27.39
N LYS C 156 30.51 -1.83 28.05
CA LYS C 156 30.63 -2.00 29.49
C LYS C 156 29.44 -1.38 30.22
N GLN C 157 29.01 -0.22 29.76
CA GLN C 157 27.91 0.52 30.38
C GLN C 157 26.60 -0.28 30.40
N LEU C 158 26.38 -1.11 29.40
CA LEU C 158 25.14 -1.87 29.30
C LEU C 158 25.19 -3.19 30.04
N ARG C 159 26.32 -3.53 30.64
CA ARG C 159 26.41 -4.83 31.30
C ARG C 159 25.33 -5.02 32.37
N PRO C 160 25.13 -4.06 33.30
CA PRO C 160 24.16 -4.13 34.38
C PRO C 160 22.73 -4.31 33.88
N LEU C 161 22.42 -3.67 32.76
CA LEU C 161 21.07 -3.70 32.21
C LEU C 161 20.82 -5.02 31.50
N TYR C 162 21.85 -5.57 30.88
CA TYR C 162 21.70 -6.83 30.19
C TYR C 162 21.37 -7.93 31.18
N GLU C 163 22.05 -7.91 32.33
CA GLU C 163 21.81 -8.95 33.33
C GLU C 163 20.37 -8.96 33.82
N GLU C 164 19.81 -7.79 34.10
CA GLU C 164 18.43 -7.70 34.57
C GLU C 164 17.47 -8.01 33.43
N TYR C 165 17.82 -7.55 32.23
CA TYR C 165 17.07 -7.82 31.02
C TYR C 165 16.89 -9.31 30.81
N VAL C 166 17.98 -10.08 30.92
CA VAL C 166 17.90 -11.52 30.76
C VAL C 166 16.95 -12.14 31.77
N VAL C 167 17.03 -11.71 33.02
CA VAL C 167 16.16 -12.26 34.06
C VAL C 167 14.68 -11.99 33.81
N LEU C 168 14.34 -10.76 33.48
CA LEU C 168 12.94 -10.40 33.27
C LEU C 168 12.38 -11.03 32.00
N LYS C 169 13.19 -11.08 30.95
CA LYS C 169 12.75 -11.66 29.69
C LYS C 169 12.56 -13.17 29.84
N ASN C 170 13.43 -13.79 30.61
CA ASN C 170 13.36 -15.23 30.80
C ASN C 170 12.18 -15.60 31.70
N GLU C 171 11.87 -14.74 32.67
CA GLU C 171 10.74 -14.98 33.56
C GLU C 171 9.42 -14.99 32.80
N MET C 172 9.25 -14.03 31.89
CA MET C 172 8.02 -14.00 31.10
C MET C 172 7.96 -15.15 30.11
N ALA C 173 9.12 -15.60 29.64
CA ALA C 173 9.13 -16.71 28.70
C ALA C 173 8.55 -17.96 29.36
N ARG C 174 8.95 -18.18 30.61
CA ARG C 174 8.47 -19.33 31.36
C ARG C 174 7.02 -19.17 31.75
N ALA C 175 6.61 -17.94 32.05
CA ALA C 175 5.22 -17.64 32.36
C ALA C 175 4.32 -17.92 31.16
N ASN C 176 4.89 -17.82 29.96
CA ASN C 176 4.17 -18.10 28.72
C ASN C 176 4.35 -19.54 28.27
N HIS C 177 4.85 -20.39 29.18
CA HIS C 177 5.02 -21.83 28.96
C HIS C 177 6.16 -22.21 28.00
N TYR C 178 7.26 -21.46 28.05
CA TYR C 178 8.47 -21.84 27.32
C TYR C 178 9.58 -22.21 28.31
N GLU C 179 10.53 -23.02 27.87
CA GLU C 179 11.64 -23.40 28.75
C GLU C 179 12.46 -22.18 29.14
N ASP C 180 12.75 -21.33 28.16
CA ASP C 180 13.50 -20.10 28.36
C ASP C 180 13.20 -19.14 27.21
N TYR C 181 13.75 -17.93 27.29
CA TYR C 181 13.53 -16.95 26.24
C TYR C 181 14.11 -17.38 24.89
N GLY C 182 15.19 -18.16 24.90
CA GLY C 182 15.76 -18.66 23.66
C GLY C 182 14.78 -19.64 23.02
N ASP C 183 14.12 -20.42 23.87
CA ASP C 183 13.12 -21.40 23.44
C ASP C 183 11.92 -20.69 22.84
N TYR C 184 11.60 -19.53 23.40
CA TYR C 184 10.54 -18.68 22.87
C TYR C 184 10.84 -18.27 21.43
N TRP C 185 12.03 -17.74 21.20
CA TRP C 185 12.42 -17.29 19.85
C TRP C 185 12.43 -18.40 18.82
N ARG C 186 12.93 -19.57 19.18
CA ARG C 186 13.03 -20.68 18.23
C ARG C 186 11.65 -21.21 17.84
N GLY C 187 10.62 -20.74 18.53
CA GLY C 187 9.25 -21.19 18.27
C GLY C 187 8.76 -20.67 16.93
N ASP C 188 9.48 -19.71 16.36
CA ASP C 188 9.07 -19.12 15.09
C ASP C 188 9.36 -20.04 13.90
N TYR C 189 10.06 -21.14 14.17
CA TYR C 189 10.33 -22.14 13.14
C TYR C 189 9.50 -23.39 13.34
N GLU C 190 8.68 -23.41 14.39
CA GLU C 190 7.91 -24.59 14.73
C GLU C 190 6.74 -24.82 13.80
N VAL C 191 6.71 -25.99 13.18
CA VAL C 191 5.60 -26.39 12.33
C VAL C 191 4.60 -27.57 12.57
N ASN C 192 4.31 -27.73 13.87
CA ASN C 192 3.39 -28.76 14.32
C ASN C 192 1.95 -28.62 13.84
N GLY C 193 1.33 -29.74 13.49
CA GLY C 193 -0.08 -29.71 13.09
C GLY C 193 -0.41 -30.72 11.98
N VAL C 194 0.51 -30.92 11.04
CA VAL C 194 0.29 -31.86 9.95
C VAL C 194 1.41 -32.89 9.84
N ASP C 195 1.03 -34.15 9.69
CA ASP C 195 1.98 -35.24 9.65
C ASP C 195 2.85 -35.22 8.40
N GLY C 196 4.17 -35.32 8.61
CA GLY C 196 5.14 -35.35 7.52
C GLY C 196 5.85 -34.02 7.36
N TYR C 197 5.27 -32.95 7.90
CA TYR C 197 5.87 -31.63 7.82
C TYR C 197 6.11 -31.04 9.19
N ASP C 198 6.16 -31.89 10.20
CA ASP C 198 6.38 -31.44 11.56
C ASP C 198 7.82 -30.99 11.73
N TYR C 199 8.06 -30.15 12.74
CA TYR C 199 9.37 -29.60 13.00
C TYR C 199 9.41 -29.02 14.40
N SER C 200 10.07 -29.71 15.32
CA SER C 200 10.17 -29.23 16.69
C SER C 200 11.06 -28.01 16.74
N ARG C 201 10.72 -27.04 17.58
CA ARG C 201 11.55 -25.84 17.67
C ARG C 201 12.95 -26.18 18.18
N GLY C 202 13.05 -27.22 19.01
CA GLY C 202 14.33 -27.63 19.57
C GLY C 202 15.21 -28.28 18.51
N GLN C 203 14.62 -28.57 17.36
CA GLN C 203 15.32 -29.20 16.25
C GLN C 203 16.22 -28.21 15.54
N LEU C 204 15.87 -26.92 15.62
CA LEU C 204 16.63 -25.91 14.89
C LEU C 204 18.09 -25.95 15.29
N ILE C 205 18.35 -26.18 16.56
CA ILE C 205 19.73 -26.17 17.04
C ILE C 205 20.57 -27.23 16.33
N GLU C 206 20.02 -28.43 16.22
CA GLU C 206 20.76 -29.53 15.59
C GLU C 206 20.95 -29.31 14.10
N ASP C 207 19.90 -28.84 13.42
CA ASP C 207 19.98 -28.65 11.98
C ASP C 207 20.95 -27.54 11.60
N VAL C 208 20.98 -26.48 12.41
CA VAL C 208 21.92 -25.38 12.17
C VAL C 208 23.35 -25.87 12.36
N GLU C 209 23.59 -26.62 13.43
CA GLU C 209 24.93 -27.14 13.69
C GLU C 209 25.41 -28.06 12.58
N HIS C 210 24.52 -28.94 12.09
CA HIS C 210 24.91 -29.88 11.05
C HIS C 210 25.26 -29.18 9.74
N THR C 211 24.48 -28.18 9.36
CA THR C 211 24.77 -27.46 8.12
C THR C 211 26.08 -26.68 8.24
N PHE C 212 26.36 -26.17 9.44
CA PHE C 212 27.58 -25.42 9.64
C PHE C 212 28.81 -26.28 9.40
N GLU C 213 28.81 -27.49 9.95
CA GLU C 213 29.95 -28.39 9.79
C GLU C 213 30.23 -28.72 8.33
N GLU C 214 29.17 -28.82 7.53
CA GLU C 214 29.32 -29.11 6.10
C GLU C 214 29.92 -27.92 5.33
N ILE C 215 29.62 -26.70 5.80
CA ILE C 215 30.12 -25.49 5.16
C ILE C 215 31.52 -25.13 5.61
N LYS C 216 31.81 -25.38 6.89
CA LYS C 216 33.07 -24.98 7.49
C LYS C 216 34.31 -25.20 6.59
N PRO C 217 34.48 -26.34 5.90
CA PRO C 217 35.60 -26.62 5.01
C PRO C 217 35.80 -25.51 3.97
N LEU C 218 34.70 -24.90 3.51
CA LEU C 218 34.80 -23.80 2.56
C LEU C 218 35.33 -22.58 3.28
N TYR C 219 34.83 -22.36 4.48
CA TYR C 219 35.25 -21.23 5.29
C TYR C 219 36.73 -21.32 5.59
N GLU C 220 37.21 -22.52 5.91
CA GLU C 220 38.62 -22.69 6.26
C GLU C 220 39.56 -22.33 5.11
N HIS C 221 39.19 -22.69 3.88
CA HIS C 221 40.00 -22.33 2.71
C HIS C 221 39.92 -20.83 2.42
N LEU C 222 38.73 -20.26 2.55
CA LEU C 222 38.58 -18.82 2.33
C LEU C 222 39.32 -18.05 3.41
N HIS C 223 39.25 -18.55 4.64
CA HIS C 223 39.92 -17.95 5.78
C HIS C 223 41.41 -17.90 5.54
N ALA C 224 41.98 -19.03 5.11
CA ALA C 224 43.42 -19.11 4.85
C ALA C 224 43.83 -18.14 3.76
N TYR C 225 43.00 -18.03 2.71
CA TYR C 225 43.29 -17.11 1.61
C TYR C 225 43.30 -15.65 2.08
N VAL C 226 42.26 -15.25 2.79
CA VAL C 226 42.14 -13.88 3.25
C VAL C 226 43.28 -13.56 4.23
N ARG C 227 43.55 -14.47 5.15
CA ARG C 227 44.63 -14.27 6.11
C ARG C 227 45.97 -14.10 5.41
N ALA C 228 46.24 -14.93 4.42
CA ALA C 228 47.51 -14.85 3.70
C ALA C 228 47.69 -13.49 3.05
N LYS C 229 46.58 -12.90 2.59
CA LYS C 229 46.62 -11.59 1.96
C LYS C 229 46.77 -10.47 3.00
N LEU C 230 46.09 -10.62 4.14
CA LEU C 230 46.16 -9.60 5.19
C LEU C 230 47.56 -9.52 5.79
N MET C 231 48.29 -10.63 5.75
CA MET C 231 49.66 -10.64 6.26
C MET C 231 50.58 -9.71 5.48
N ASN C 232 50.15 -9.25 4.30
CA ASN C 232 50.96 -8.33 3.52
C ASN C 232 50.59 -6.88 3.84
N ALA C 233 49.55 -6.71 4.65
CA ALA C 233 49.08 -5.40 5.09
C ALA C 233 49.47 -5.17 6.54
N TYR C 234 49.48 -6.25 7.31
CA TYR C 234 49.81 -6.21 8.72
C TYR C 234 50.86 -7.28 9.05
N PRO C 235 52.09 -7.12 8.52
CA PRO C 235 53.14 -8.12 8.43
C PRO C 235 53.72 -8.49 9.78
N SER C 236 53.44 -7.67 10.80
CA SER C 236 53.99 -7.91 12.12
C SER C 236 52.91 -8.20 13.17
N TYR C 237 51.67 -8.37 12.74
CA TYR C 237 50.58 -8.58 13.69
C TYR C 237 49.85 -9.91 13.51
N ILE C 238 49.75 -10.39 12.28
CA ILE C 238 49.01 -11.62 12.02
C ILE C 238 49.94 -12.81 11.87
N SER C 239 49.69 -13.85 12.65
CA SER C 239 50.49 -15.07 12.62
C SER C 239 49.91 -16.10 11.64
N PRO C 240 50.77 -16.76 10.86
CA PRO C 240 50.49 -17.71 9.79
C PRO C 240 49.68 -18.92 10.23
N ILE C 241 49.71 -19.21 11.53
CA ILE C 241 49.07 -20.40 12.07
C ILE C 241 47.95 -20.10 13.06
N GLY C 242 47.58 -18.82 13.17
CA GLY C 242 46.63 -18.43 14.20
C GLY C 242 45.35 -17.84 13.67
N CYS C 243 44.64 -17.16 14.56
CA CYS C 243 43.39 -16.49 14.28
C CYS C 243 43.63 -15.04 13.87
N LEU C 244 42.69 -14.47 13.13
CA LEU C 244 42.77 -13.07 12.76
C LEU C 244 42.24 -12.22 13.91
N PRO C 245 42.90 -11.10 14.23
CA PRO C 245 42.43 -10.08 15.16
C PRO C 245 41.08 -9.49 14.74
N ALA C 246 40.18 -9.36 15.69
CA ALA C 246 38.81 -8.91 15.44
C ALA C 246 38.73 -7.55 14.76
N HIS C 247 39.62 -6.63 15.15
CA HIS C 247 39.55 -5.27 14.62
C HIS C 247 40.10 -5.16 13.20
N LEU C 248 40.63 -6.26 12.67
CA LEU C 248 41.24 -6.22 11.35
C LEU C 248 40.41 -6.93 10.29
N LEU C 249 39.12 -7.13 10.58
CA LEU C 249 38.24 -7.80 9.61
C LEU C 249 37.45 -6.83 8.74
N GLY C 250 37.68 -5.54 8.89
CA GLY C 250 37.02 -4.55 8.04
C GLY C 250 35.66 -4.10 8.56
N ASP C 251 35.35 -4.39 9.81
CA ASP C 251 34.06 -4.02 10.37
C ASP C 251 34.16 -3.72 11.88
N MET C 252 33.05 -3.28 12.46
CA MET C 252 32.99 -2.93 13.88
C MET C 252 32.87 -4.16 14.78
N TRP C 253 32.18 -5.19 14.30
CA TRP C 253 31.95 -6.37 15.09
C TRP C 253 32.45 -7.64 14.40
N GLY C 254 33.02 -7.46 13.20
CA GLY C 254 33.50 -8.58 12.42
C GLY C 254 32.36 -9.35 11.76
N ARG C 255 31.26 -8.65 11.44
CA ARG C 255 30.10 -9.29 10.82
C ARG C 255 30.33 -9.51 9.34
N PHE C 256 30.73 -8.46 8.63
CA PHE C 256 31.01 -8.57 7.20
C PHE C 256 32.48 -8.42 6.91
N TRP C 257 32.97 -9.15 5.92
CA TRP C 257 34.35 -9.05 5.51
C TRP C 257 34.46 -8.29 4.19
N THR C 258 33.35 -7.71 3.76
CA THR C 258 33.24 -7.15 2.42
C THR C 258 34.21 -6.00 2.17
N ASN C 259 34.60 -5.28 3.20
CA ASN C 259 35.47 -4.13 3.07
C ASN C 259 36.93 -4.56 2.88
N LEU C 260 37.19 -5.86 2.91
CA LEU C 260 38.55 -6.35 2.72
C LEU C 260 38.87 -6.56 1.24
N TYR C 261 37.87 -6.37 0.38
CA TYR C 261 38.04 -6.59 -1.04
C TYR C 261 38.78 -5.43 -1.70
N SER C 262 40.03 -5.26 -1.30
CA SER C 262 40.93 -4.28 -1.88
C SER C 262 42.33 -4.81 -1.63
N LEU C 263 42.41 -5.74 -0.69
CA LEU C 263 43.64 -6.40 -0.34
C LEU C 263 43.64 -7.83 -0.88
N THR C 264 42.44 -8.41 -0.98
CA THR C 264 42.29 -9.81 -1.34
C THR C 264 41.98 -10.05 -2.81
N VAL C 265 41.90 -8.98 -3.61
CA VAL C 265 41.51 -9.11 -5.01
C VAL C 265 42.41 -10.10 -5.77
N PRO C 266 41.84 -11.20 -6.31
CA PRO C 266 42.49 -12.25 -7.08
C PRO C 266 43.29 -11.71 -8.25
N PHE C 267 42.59 -10.98 -9.13
CA PHE C 267 43.22 -10.44 -10.34
C PHE C 267 42.97 -8.95 -10.44
N GLY C 268 43.76 -8.17 -9.69
CA GLY C 268 43.55 -6.73 -9.59
C GLY C 268 43.96 -5.79 -10.72
N GLN C 269 44.57 -6.36 -11.75
CA GLN C 269 44.94 -5.60 -12.94
C GLN C 269 43.82 -5.46 -14.05
N LYS C 270 42.70 -6.07 -13.68
CA LYS C 270 41.51 -6.02 -14.51
C LYS C 270 40.41 -5.38 -13.67
N PRO C 271 39.66 -4.42 -14.23
CA PRO C 271 38.42 -3.86 -13.71
C PRO C 271 37.32 -4.90 -13.63
N ASN C 272 36.40 -4.71 -12.69
CA ASN C 272 35.22 -5.54 -12.57
C ASN C 272 34.16 -4.99 -13.51
N ILE C 273 33.00 -5.63 -13.57
CA ILE C 273 31.92 -5.12 -14.40
C ILE C 273 31.24 -3.98 -13.71
N ASP C 274 31.23 -2.83 -14.36
CA ASP C 274 30.62 -1.63 -13.82
C ASP C 274 29.99 -0.83 -14.93
N VAL C 275 28.67 -0.71 -14.91
CA VAL C 275 27.95 -0.05 -15.98
C VAL C 275 27.44 1.33 -15.53
N THR C 276 28.02 1.87 -14.47
CA THR C 276 27.63 3.19 -14.00
C THR C 276 27.78 4.21 -15.12
N ASP C 277 28.92 4.15 -15.81
CA ASP C 277 29.18 5.10 -16.88
C ASP C 277 28.21 4.91 -18.03
N ALA C 278 27.86 3.66 -18.32
CA ALA C 278 26.93 3.37 -19.41
C ALA C 278 25.56 3.97 -19.11
N MET C 279 25.14 3.87 -17.86
CA MET C 279 23.85 4.41 -17.44
C MET C 279 23.82 5.91 -17.62
N VAL C 280 24.94 6.56 -17.29
CA VAL C 280 25.04 8.01 -17.43
C VAL C 280 25.09 8.45 -18.90
N ASP C 281 25.91 7.78 -19.70
CA ASP C 281 26.07 8.12 -21.11
C ASP C 281 24.76 7.98 -21.87
N GLN C 282 23.95 7.01 -21.47
CA GLN C 282 22.66 6.76 -22.12
C GLN C 282 21.55 7.60 -21.49
N ALA C 283 21.93 8.51 -20.59
CA ALA C 283 21.00 9.41 -19.93
C ALA C 283 19.90 8.68 -19.17
N TRP C 284 20.28 7.70 -18.37
CA TRP C 284 19.32 7.00 -17.51
C TRP C 284 18.97 7.87 -16.31
N ASP C 285 17.74 7.73 -15.84
CA ASP C 285 17.29 8.44 -14.65
C ASP C 285 16.61 7.47 -13.70
N ALA C 286 16.11 7.98 -12.57
CA ALA C 286 15.46 7.14 -11.58
C ALA C 286 14.27 6.39 -12.17
N GLN C 287 13.51 7.05 -13.03
CA GLN C 287 12.31 6.44 -13.59
C GLN C 287 12.70 5.28 -14.52
N ARG C 288 13.81 5.46 -15.23
CA ARG C 288 14.30 4.44 -16.15
C ARG C 288 14.81 3.22 -15.42
N ILE C 289 15.49 3.45 -14.31
CA ILE C 289 16.06 2.35 -13.53
C ILE C 289 14.96 1.42 -13.03
N PHE C 290 13.89 2.00 -12.52
CA PHE C 290 12.79 1.19 -12.01
C PHE C 290 11.97 0.56 -13.14
N LYS C 291 11.85 1.25 -14.27
CA LYS C 291 11.13 0.68 -15.41
C LYS C 291 11.82 -0.57 -15.93
N GLU C 292 13.15 -0.57 -15.91
CA GLU C 292 13.90 -1.74 -16.36
C GLU C 292 13.75 -2.90 -15.39
N ALA C 293 13.74 -2.62 -14.10
CA ALA C 293 13.53 -3.67 -13.12
C ALA C 293 12.12 -4.24 -13.28
N GLU C 294 11.16 -3.38 -13.60
CA GLU C 294 9.79 -3.81 -13.78
C GLU C 294 9.65 -4.83 -14.91
N LYS C 295 10.35 -4.60 -16.03
CA LYS C 295 10.23 -5.51 -17.16
C LYS C 295 10.98 -6.81 -16.91
N PHE C 296 11.96 -6.78 -16.01
CA PHE C 296 12.66 -8.00 -15.66
C PHE C 296 11.68 -9.02 -15.11
N PHE C 297 10.86 -8.60 -14.17
CA PHE C 297 9.90 -9.50 -13.53
C PHE C 297 8.83 -9.95 -14.51
N VAL C 298 8.49 -9.09 -15.46
CA VAL C 298 7.50 -9.48 -16.47
C VAL C 298 8.04 -10.57 -17.40
N SER C 299 9.35 -10.54 -17.68
CA SER C 299 9.92 -11.54 -18.58
C SER C 299 9.96 -12.92 -17.92
N VAL C 300 10.09 -12.97 -16.58
CA VAL C 300 10.13 -14.27 -15.92
C VAL C 300 8.71 -14.81 -15.72
N GLY C 301 7.73 -13.92 -15.65
CA GLY C 301 6.34 -14.37 -15.64
C GLY C 301 5.50 -13.79 -14.50
N LEU C 302 5.86 -12.62 -13.98
CA LEU C 302 5.06 -11.97 -12.97
C LEU C 302 4.43 -10.70 -13.53
N PRO C 303 3.26 -10.29 -13.05
CA PRO C 303 2.62 -9.01 -13.30
C PRO C 303 3.53 -7.86 -12.85
N ASN C 304 3.31 -6.68 -13.46
CA ASN C 304 4.24 -5.55 -13.21
C ASN C 304 3.64 -4.50 -12.27
N MET C 305 4.47 -3.56 -11.78
CA MET C 305 4.03 -2.60 -10.75
C MET C 305 2.73 -1.89 -11.11
N THR C 306 1.88 -1.65 -10.11
CA THR C 306 0.57 -1.01 -10.33
C THR C 306 0.76 0.50 -10.53
N GLN C 307 -0.27 1.21 -11.00
CA GLN C 307 -0.16 2.66 -11.27
C GLN C 307 0.24 3.39 -10.00
N GLY C 308 -0.42 3.06 -8.90
CA GLY C 308 -0.13 3.73 -7.61
C GLY C 308 1.29 3.48 -7.13
N PHE C 309 2.01 2.56 -7.77
CA PHE C 309 3.44 2.39 -7.39
C PHE C 309 4.23 3.56 -7.98
N TRP C 310 3.79 4.06 -9.13
CA TRP C 310 4.53 5.15 -9.82
C TRP C 310 4.05 6.51 -9.32
N GLU C 311 2.75 6.65 -9.00
CA GLU C 311 2.24 7.94 -8.57
C GLU C 311 2.51 8.26 -7.10
N ASN C 312 2.44 7.26 -6.22
CA ASN C 312 2.54 7.50 -4.78
C ASN C 312 3.93 7.24 -4.20
N SER C 313 4.82 6.63 -4.97
CA SER C 313 6.15 6.33 -4.44
C SER C 313 7.05 7.55 -4.48
N MET C 314 8.10 7.52 -3.67
CA MET C 314 9.11 8.56 -3.68
C MET C 314 10.43 7.98 -4.13
N LEU C 315 10.72 8.11 -5.42
CA LEU C 315 11.88 7.43 -6.00
C LEU C 315 13.06 8.37 -6.11
N THR C 316 12.85 9.64 -5.80
CA THR C 316 13.92 10.63 -5.90
C THR C 316 14.00 11.48 -4.63
N ASP C 317 15.20 12.00 -4.34
CA ASP C 317 15.37 12.81 -3.11
C ASP C 317 14.38 13.97 -3.17
N PRO C 318 13.42 14.10 -2.23
CA PRO C 318 12.39 15.14 -2.31
C PRO C 318 13.05 16.53 -2.28
N GLY C 319 14.10 16.69 -1.48
CA GLY C 319 14.81 17.99 -1.39
C GLY C 319 15.25 18.31 0.02
N ASN C 320 15.77 19.52 0.25
CA ASN C 320 16.23 19.94 1.60
C ASN C 320 15.07 20.63 2.33
N VAL C 321 14.09 21.14 1.59
CA VAL C 321 12.88 21.74 2.24
C VAL C 321 12.06 20.61 2.88
N GLN C 322 11.83 19.51 2.17
CA GLN C 322 11.14 18.33 2.76
C GLN C 322 12.22 17.35 3.19
N LYS C 323 12.56 17.31 4.49
CA LYS C 323 13.68 16.47 4.97
C LYS C 323 13.26 15.00 5.06
N ALA C 324 13.07 14.30 3.94
CA ALA C 324 12.71 12.86 3.98
C ALA C 324 13.86 12.03 4.57
N VAL C 325 13.56 10.82 5.05
CA VAL C 325 14.62 9.90 5.60
C VAL C 325 15.08 8.96 4.48
N CYS C 326 16.24 9.19 3.89
CA CYS C 326 16.67 8.38 2.72
C CYS C 326 17.16 7.00 3.20
N HIS C 327 16.38 5.95 2.97
CA HIS C 327 16.78 4.56 3.34
C HIS C 327 15.92 3.58 2.53
N PRO C 328 16.43 2.95 1.46
CA PRO C 328 15.61 2.10 0.60
C PRO C 328 14.68 1.16 1.35
N THR C 329 13.40 1.48 1.43
CA THR C 329 12.45 0.55 2.03
C THR C 329 11.28 0.24 1.10
N ALA C 330 10.89 -1.02 1.03
CA ALA C 330 9.68 -1.42 0.33
C ALA C 330 8.51 -1.38 1.30
N TRP C 331 7.46 -0.64 0.95
CA TRP C 331 6.33 -0.45 1.85
C TRP C 331 5.07 -1.15 1.37
N ASP C 332 4.32 -1.69 2.31
CA ASP C 332 2.99 -2.21 2.05
C ASP C 332 2.04 -1.65 3.09
N LEU C 333 1.22 -0.70 2.70
CA LEU C 333 0.40 0.04 3.66
C LEU C 333 -0.93 -0.67 3.88
N GLY C 334 -1.16 -1.71 3.09
CA GLY C 334 -2.43 -2.44 3.10
C GLY C 334 -3.38 -2.00 1.99
N LYS C 335 -4.40 -2.83 1.77
CA LYS C 335 -5.46 -2.59 0.80
C LYS C 335 -4.91 -2.21 -0.58
N GLY C 336 -3.88 -2.94 -1.03
CA GLY C 336 -3.39 -2.79 -2.40
C GLY C 336 -2.45 -1.60 -2.60
N ASP C 337 -2.14 -0.89 -1.53
CA ASP C 337 -1.29 0.30 -1.62
C ASP C 337 0.18 -0.05 -1.42
N PHE C 338 0.92 -0.19 -2.53
CA PHE C 338 2.32 -0.59 -2.48
C PHE C 338 3.20 0.56 -2.94
N ARG C 339 4.23 0.87 -2.15
CA ARG C 339 5.09 2.01 -2.45
C ARG C 339 6.57 1.69 -2.20
N ILE C 340 7.45 2.42 -2.86
CA ILE C 340 8.86 2.39 -2.51
C ILE C 340 9.35 3.77 -2.08
N LEU C 341 10.11 3.78 -1.00
CA LEU C 341 10.76 4.98 -0.52
C LEU C 341 12.26 4.85 -0.70
N MET C 342 12.79 5.52 -1.71
CA MET C 342 14.19 5.35 -2.06
C MET C 342 14.70 6.47 -2.94
N CYS C 343 15.69 7.20 -2.43
CA CYS C 343 16.33 8.28 -3.22
C CYS C 343 17.43 7.63 -4.06
N THR C 344 17.22 7.43 -5.37
CA THR C 344 18.17 6.71 -6.19
C THR C 344 19.07 7.59 -7.04
N LYS C 345 20.29 7.12 -7.27
CA LYS C 345 21.25 7.76 -8.15
C LYS C 345 21.49 6.88 -9.37
N VAL C 346 22.01 7.48 -10.43
CA VAL C 346 22.26 6.71 -11.64
C VAL C 346 23.57 5.93 -11.54
N THR C 347 23.52 4.82 -10.80
CA THR C 347 24.69 3.99 -10.56
C THR C 347 24.32 2.51 -10.46
N MET C 348 25.33 1.65 -10.55
CA MET C 348 25.11 0.21 -10.51
C MET C 348 24.61 -0.28 -9.14
N ASP C 349 25.04 0.38 -8.08
CA ASP C 349 24.64 -0.06 -6.75
C ASP C 349 23.13 0.06 -6.56
N ASP C 350 22.57 1.17 -7.04
CA ASP C 350 21.14 1.40 -6.94
C ASP C 350 20.38 0.62 -8.00
N PHE C 351 21.02 0.39 -9.14
CA PHE C 351 20.41 -0.42 -10.19
C PHE C 351 20.03 -1.78 -9.63
N LEU C 352 20.97 -2.42 -8.94
CA LEU C 352 20.72 -3.73 -8.36
C LEU C 352 19.76 -3.66 -7.17
N THR C 353 19.87 -2.59 -6.36
CA THR C 353 18.98 -2.42 -5.22
C THR C 353 17.53 -2.34 -5.66
N ALA C 354 17.29 -1.65 -6.77
CA ALA C 354 15.93 -1.49 -7.28
C ALA C 354 15.27 -2.85 -7.51
N HIS C 355 16.04 -3.85 -7.96
CA HIS C 355 15.48 -5.18 -8.18
C HIS C 355 15.17 -5.85 -6.85
N HIS C 356 16.00 -5.57 -5.85
CA HIS C 356 15.82 -6.14 -4.51
C HIS C 356 14.51 -5.66 -3.89
N GLU C 357 14.30 -4.35 -3.91
CA GLU C 357 13.10 -3.76 -3.31
C GLU C 357 11.86 -4.13 -4.11
N MET C 358 12.01 -4.24 -5.42
CA MET C 358 10.91 -4.64 -6.29
C MET C 358 10.53 -6.09 -6.00
N GLY C 359 11.51 -6.90 -5.65
CA GLY C 359 11.27 -8.30 -5.30
C GLY C 359 10.41 -8.41 -4.05
N HIS C 360 10.64 -7.51 -3.09
CA HIS C 360 9.84 -7.51 -1.87
C HIS C 360 8.38 -7.24 -2.17
N ILE C 361 8.14 -6.27 -3.06
CA ILE C 361 6.77 -5.93 -3.43
C ILE C 361 6.08 -7.08 -4.16
N GLN C 362 6.80 -7.76 -5.05
CA GLN C 362 6.21 -8.89 -5.76
C GLN C 362 5.73 -9.95 -4.78
N TYR C 363 6.47 -10.14 -3.68
CA TYR C 363 6.07 -11.12 -2.67
C TYR C 363 4.85 -10.61 -1.90
N ASP C 364 4.87 -9.32 -1.53
CA ASP C 364 3.76 -8.73 -0.80
C ASP C 364 2.47 -8.84 -1.60
N MET C 365 2.58 -8.68 -2.91
CA MET C 365 1.41 -8.76 -3.82
C MET C 365 0.93 -10.20 -3.99
N ALA C 366 1.84 -11.19 -3.96
CA ALA C 366 1.48 -12.58 -4.13
C ALA C 366 0.57 -13.09 -3.01
N TYR C 367 0.82 -12.66 -1.77
CA TYR C 367 -0.01 -13.16 -0.67
C TYR C 367 -1.01 -12.15 -0.17
N ALA C 368 -1.29 -11.14 -0.99
CA ALA C 368 -2.23 -10.09 -0.59
C ALA C 368 -3.64 -10.65 -0.40
N ALA C 369 -3.90 -11.81 -0.96
CA ALA C 369 -5.21 -12.46 -0.87
C ALA C 369 -5.40 -13.18 0.46
N GLN C 370 -4.33 -13.29 1.24
CA GLN C 370 -4.39 -14.02 2.50
C GLN C 370 -5.04 -13.16 3.59
N PRO C 371 -5.60 -13.78 4.64
CA PRO C 371 -6.10 -13.16 5.85
C PRO C 371 -5.02 -12.31 6.49
N PHE C 372 -5.43 -11.20 7.11
CA PHE C 372 -4.48 -10.25 7.68
C PHE C 372 -3.40 -10.92 8.51
N LEU C 373 -3.80 -11.83 9.39
CA LEU C 373 -2.85 -12.46 10.32
C LEU C 373 -1.91 -13.46 9.64
N LEU C 374 -2.25 -13.87 8.42
CA LEU C 374 -1.43 -14.81 7.67
C LEU C 374 -0.75 -14.12 6.48
N ARG C 375 -0.89 -12.80 6.43
CA ARG C 375 -0.40 -12.03 5.29
C ARG C 375 1.07 -11.68 5.46
N ASN C 376 1.92 -12.70 5.43
CA ASN C 376 3.35 -12.55 5.66
C ASN C 376 4.14 -13.69 5.05
N GLY C 377 5.47 -13.66 5.20
CA GLY C 377 6.31 -14.74 4.68
C GLY C 377 6.24 -15.99 5.56
N ALA C 378 6.52 -17.16 4.97
CA ALA C 378 6.42 -18.44 5.67
C ALA C 378 7.26 -18.46 6.94
N ASN C 379 8.44 -17.86 6.89
CA ASN C 379 9.29 -17.74 8.06
C ASN C 379 10.12 -16.47 7.93
N GLU C 380 11.06 -16.27 8.84
CA GLU C 380 11.81 -15.03 8.90
C GLU C 380 12.80 -14.86 7.74
N GLY C 381 13.23 -15.96 7.14
CA GLY C 381 14.26 -15.90 6.11
C GLY C 381 13.66 -15.87 4.71
N PHE C 382 12.48 -16.43 4.55
CA PHE C 382 11.85 -16.54 3.24
C PHE C 382 11.66 -15.19 2.56
N HIS C 383 11.25 -14.18 3.32
CA HIS C 383 10.96 -12.89 2.72
C HIS C 383 12.21 -12.29 2.08
N GLU C 384 13.31 -12.28 2.83
CA GLU C 384 14.55 -11.71 2.33
C GLU C 384 15.18 -12.57 1.25
N ALA C 385 15.06 -13.89 1.39
CA ALA C 385 15.71 -14.80 0.44
C ALA C 385 15.17 -14.64 -0.97
N VAL C 386 13.86 -14.48 -1.11
CA VAL C 386 13.29 -14.36 -2.45
C VAL C 386 13.59 -13.00 -3.07
N GLY C 387 13.70 -11.98 -2.23
CA GLY C 387 14.10 -10.66 -2.72
C GLY C 387 15.56 -10.67 -3.18
N GLU C 388 16.42 -11.27 -2.37
CA GLU C 388 17.87 -11.23 -2.59
C GLU C 388 18.30 -11.88 -3.90
N ILE C 389 17.67 -13.00 -4.26
CA ILE C 389 18.07 -13.72 -5.47
C ILE C 389 17.87 -12.89 -6.74
N MET C 390 17.08 -11.83 -6.65
CA MET C 390 16.80 -11.00 -7.81
C MET C 390 18.02 -10.18 -8.21
N SER C 391 18.88 -9.86 -7.25
CA SER C 391 20.04 -9.05 -7.57
C SER C 391 21.14 -9.90 -8.20
N LEU C 392 21.10 -11.21 -7.94
CA LEU C 392 22.12 -12.10 -8.48
C LEU C 392 21.98 -12.20 -9.99
N SER C 393 20.73 -12.32 -10.46
CA SER C 393 20.50 -12.40 -11.89
C SER C 393 20.64 -11.03 -12.57
N ALA C 394 20.27 -9.97 -11.86
CA ALA C 394 20.39 -8.62 -12.42
C ALA C 394 21.85 -8.26 -12.67
N ALA C 395 22.74 -8.74 -11.81
CA ALA C 395 24.17 -8.44 -11.91
C ALA C 395 24.89 -9.36 -12.89
N THR C 396 24.19 -10.34 -13.45
CA THR C 396 24.78 -11.31 -14.35
C THR C 396 24.89 -10.73 -15.76
N PRO C 397 26.09 -10.79 -16.38
CA PRO C 397 26.42 -10.23 -17.69
C PRO C 397 25.86 -11.05 -18.84
N LYS C 398 24.56 -11.28 -18.78
CA LYS C 398 23.78 -11.87 -19.84
C LYS C 398 22.52 -11.04 -19.90
N HIS C 399 22.17 -10.52 -18.73
CA HIS C 399 21.06 -9.59 -18.59
C HIS C 399 21.55 -8.22 -18.99
N LEU C 400 22.70 -7.83 -18.45
CA LEU C 400 23.28 -6.52 -18.77
C LEU C 400 23.64 -6.45 -20.24
N LYS C 401 24.07 -7.58 -20.80
CA LYS C 401 24.46 -7.65 -22.21
C LYS C 401 23.30 -7.39 -23.15
N SER C 402 22.08 -7.65 -22.69
CA SER C 402 20.91 -7.51 -23.55
C SER C 402 20.03 -6.34 -23.12
N ILE C 403 20.51 -5.55 -22.16
CA ILE C 403 19.73 -4.41 -21.69
C ILE C 403 20.29 -3.13 -22.29
N GLY C 404 21.45 -3.24 -22.93
CA GLY C 404 22.09 -2.12 -23.59
C GLY C 404 23.22 -1.51 -22.77
N LEU C 405 23.23 -1.87 -21.48
CA LEU C 405 24.24 -1.31 -20.56
C LEU C 405 25.55 -2.07 -20.73
N LEU C 406 25.50 -3.31 -21.22
CA LEU C 406 26.79 -4.02 -21.47
C LEU C 406 27.11 -3.99 -22.97
N SER C 407 28.39 -3.82 -23.31
CA SER C 407 28.80 -3.79 -24.72
C SER C 407 28.70 -5.19 -25.33
N PRO C 408 28.40 -5.33 -26.64
CA PRO C 408 28.41 -6.64 -27.28
C PRO C 408 29.77 -7.19 -27.71
N ASP C 409 30.86 -6.55 -27.28
CA ASP C 409 32.20 -7.05 -27.48
C ASP C 409 33.05 -7.10 -26.11
N PHE C 410 32.22 -7.26 -25.08
CA PHE C 410 32.69 -7.39 -23.71
C PHE C 410 32.70 -8.91 -23.58
N GLN C 411 33.85 -9.45 -23.20
CA GLN C 411 33.98 -10.89 -22.99
C GLN C 411 34.19 -11.17 -21.51
N GLU C 412 33.60 -12.27 -21.04
CA GLU C 412 33.73 -12.64 -19.64
C GLU C 412 34.84 -13.66 -19.44
N ASP C 413 36.00 -13.19 -18.99
CA ASP C 413 37.16 -14.05 -18.80
C ASP C 413 37.25 -14.93 -17.56
N ASN C 414 38.09 -15.97 -17.64
CA ASN C 414 38.33 -16.83 -16.47
C ASN C 414 38.60 -16.02 -15.14
N GLU C 415 39.50 -15.06 -15.31
CA GLU C 415 39.82 -14.11 -14.27
C GLU C 415 38.77 -13.24 -13.60
N THR C 416 37.78 -12.80 -14.36
CA THR C 416 36.77 -11.91 -13.82
C THR C 416 35.65 -12.71 -13.15
N GLU C 417 35.54 -13.99 -13.51
CA GLU C 417 34.60 -14.86 -12.83
C GLU C 417 35.06 -15.07 -11.39
N ILE C 418 36.36 -15.23 -11.20
CA ILE C 418 36.93 -15.40 -9.87
C ILE C 418 36.80 -14.13 -9.06
N ASN C 419 37.10 -12.97 -9.66
CA ASN C 419 36.95 -11.72 -8.94
C ASN C 419 35.53 -11.56 -8.41
N PHE C 420 34.56 -11.86 -9.26
CA PHE C 420 33.16 -11.79 -8.86
C PHE C 420 32.84 -12.74 -7.72
N LEU C 421 33.25 -14.00 -7.88
CA LEU C 421 32.92 -15.01 -6.89
C LEU C 421 33.53 -14.73 -5.53
N LEU C 422 34.76 -14.22 -5.49
CA LEU C 422 35.34 -13.90 -4.20
C LEU C 422 34.61 -12.77 -3.51
N LYS C 423 34.32 -11.72 -4.25
CA LYS C 423 33.63 -10.57 -3.67
C LYS C 423 32.29 -11.02 -3.07
N GLN C 424 31.65 -11.98 -3.73
CA GLN C 424 30.39 -12.53 -3.24
C GLN C 424 30.63 -13.39 -2.00
N ALA C 425 31.64 -14.28 -2.07
CA ALA C 425 31.93 -15.17 -0.96
C ALA C 425 32.30 -14.40 0.29
N LEU C 426 33.02 -13.32 0.09
CA LEU C 426 33.51 -12.49 1.17
C LEU C 426 32.38 -11.80 1.92
N THR C 427 31.21 -11.73 1.28
CA THR C 427 30.05 -11.08 1.85
C THR C 427 28.98 -12.09 2.27
N ILE C 428 28.98 -13.26 1.63
CA ILE C 428 27.95 -14.27 1.83
C ILE C 428 28.33 -15.39 2.79
N VAL C 429 29.54 -15.95 2.65
CA VAL C 429 29.90 -17.11 3.45
C VAL C 429 30.90 -16.73 4.54
N GLY C 430 31.23 -15.44 4.59
CA GLY C 430 32.10 -14.91 5.64
C GLY C 430 31.27 -14.42 6.82
N THR C 431 29.95 -14.49 6.67
CA THR C 431 29.02 -14.00 7.69
C THR C 431 28.33 -15.12 8.44
N LEU C 432 28.38 -16.34 7.88
CA LEU C 432 27.63 -17.44 8.45
C LEU C 432 28.14 -17.87 9.84
N PRO C 433 29.46 -17.99 10.05
CA PRO C 433 30.08 -18.36 11.32
C PRO C 433 29.71 -17.38 12.41
N PHE C 434 29.60 -16.09 12.04
CA PHE C 434 29.25 -15.05 12.99
C PHE C 434 27.82 -15.20 13.46
N THR C 435 26.90 -15.38 12.52
CA THR C 435 25.49 -15.52 12.85
C THR C 435 25.25 -16.74 13.71
N TYR C 436 25.85 -17.86 13.32
CA TYR C 436 25.73 -19.11 14.05
C TYR C 436 26.25 -18.96 15.47
N MET C 437 27.46 -18.41 15.59
CA MET C 437 28.09 -18.20 16.88
C MET C 437 27.27 -17.34 17.82
N LEU C 438 26.83 -16.17 17.33
CA LEU C 438 26.13 -15.23 18.18
C LEU C 438 24.86 -15.83 18.76
N GLU C 439 24.08 -16.50 17.92
CA GLU C 439 22.84 -17.09 18.40
C GLU C 439 23.09 -18.24 19.35
N LYS C 440 24.14 -19.02 19.10
CA LYS C 440 24.49 -20.09 20.00
C LYS C 440 24.73 -19.55 21.41
N TRP C 441 25.51 -18.47 21.49
CA TRP C 441 25.82 -17.86 22.78
C TRP C 441 24.56 -17.37 23.48
N ARG C 442 23.71 -16.65 22.76
CA ARG C 442 22.53 -16.07 23.37
C ARG C 442 21.59 -17.14 23.90
N TRP C 443 21.42 -18.22 23.13
CA TRP C 443 20.54 -19.31 23.54
C TRP C 443 21.02 -19.93 24.85
N MET C 444 22.34 -20.14 24.96
CA MET C 444 22.90 -20.74 26.17
C MET C 444 22.72 -19.81 27.37
N VAL C 445 22.87 -18.51 27.15
CA VAL C 445 22.70 -17.53 28.21
C VAL C 445 21.27 -17.51 28.74
N PHE C 446 20.30 -17.52 27.83
CA PHE C 446 18.90 -17.50 28.25
C PHE C 446 18.50 -18.81 28.92
N LYS C 447 18.97 -19.93 28.38
CA LYS C 447 18.66 -21.24 28.95
C LYS C 447 19.25 -21.41 30.33
N GLY C 448 20.45 -20.87 30.54
CA GLY C 448 21.10 -20.97 31.83
C GLY C 448 22.21 -22.02 31.84
N GLU C 449 22.78 -22.29 30.66
CA GLU C 449 23.88 -23.25 30.56
C GLU C 449 25.20 -22.57 30.91
N ILE C 450 25.16 -21.24 30.98
CA ILE C 450 26.34 -20.46 31.29
C ILE C 450 26.08 -19.58 32.51
N PRO C 451 26.91 -19.66 33.55
CA PRO C 451 26.88 -18.82 34.74
C PRO C 451 27.04 -17.36 34.34
N LYS C 452 26.38 -16.47 35.07
CA LYS C 452 26.49 -15.04 34.77
C LYS C 452 27.91 -14.53 34.65
N ASP C 453 28.76 -14.94 35.57
CA ASP C 453 30.11 -14.41 35.64
C ASP C 453 31.09 -15.18 34.75
N GLN C 454 30.54 -15.99 33.86
CA GLN C 454 31.37 -16.74 32.93
C GLN C 454 30.83 -16.57 31.51
N TRP C 455 29.86 -15.68 31.28
CA TRP C 455 29.36 -15.62 29.91
C TRP C 455 30.23 -14.77 28.99
N MET C 456 31.06 -13.90 29.56
CA MET C 456 32.01 -13.19 28.71
C MET C 456 33.15 -14.12 28.34
N LYS C 457 33.45 -15.05 29.23
CA LYS C 457 34.45 -16.07 28.96
C LYS C 457 34.08 -16.93 27.78
N LYS C 458 32.86 -17.46 27.79
CA LYS C 458 32.40 -18.32 26.71
C LYS C 458 32.26 -17.57 25.39
N TRP C 459 31.95 -16.28 25.47
CA TRP C 459 31.81 -15.45 24.29
C TRP C 459 33.12 -15.48 23.51
N TRP C 460 34.21 -15.11 24.16
CA TRP C 460 35.51 -15.08 23.48
C TRP C 460 36.07 -16.47 23.26
N GLU C 461 35.68 -17.42 24.10
CA GLU C 461 36.14 -18.80 23.95
C GLU C 461 35.59 -19.43 22.67
N MET C 462 34.31 -19.21 22.38
CA MET C 462 33.71 -19.81 21.20
C MET C 462 34.04 -19.05 19.91
N LYS C 463 34.32 -17.75 20.01
CA LYS C 463 34.67 -16.98 18.81
C LYS C 463 35.88 -17.57 18.08
N ARG C 464 36.88 -18.00 18.83
CA ARG C 464 38.08 -18.55 18.22
C ARG C 464 37.90 -19.99 17.73
N GLU C 465 36.77 -20.61 18.07
CA GLU C 465 36.51 -21.99 17.69
C GLU C 465 35.60 -22.07 16.48
N ILE C 466 34.61 -21.19 16.43
CA ILE C 466 33.65 -21.16 15.34
C ILE C 466 34.09 -20.22 14.22
N VAL C 467 34.50 -19.01 14.59
CA VAL C 467 34.82 -17.99 13.61
C VAL C 467 36.30 -17.97 13.26
N GLY C 468 37.14 -18.21 14.25
CA GLY C 468 38.58 -18.17 14.04
C GLY C 468 39.12 -16.76 14.20
N VAL C 469 38.48 -16.00 15.08
CA VAL C 469 38.86 -14.62 15.34
C VAL C 469 39.18 -14.45 16.82
N VAL C 470 40.16 -13.60 17.14
CA VAL C 470 40.54 -13.38 18.53
C VAL C 470 40.60 -11.91 18.92
N GLU C 471 40.55 -11.67 20.22
CA GLU C 471 40.66 -10.33 20.77
C GLU C 471 42.12 -9.85 20.73
N PRO C 472 42.33 -8.55 20.49
CA PRO C 472 43.61 -7.87 20.53
C PRO C 472 44.10 -7.63 21.95
N VAL C 473 43.15 -7.50 22.86
CA VAL C 473 43.45 -7.23 24.25
C VAL C 473 42.52 -8.05 25.12
N PRO C 474 42.93 -8.44 26.32
CA PRO C 474 42.16 -9.17 27.29
C PRO C 474 41.09 -8.26 27.88
N HIS C 475 39.95 -8.86 28.27
CA HIS C 475 38.87 -8.12 28.89
C HIS C 475 38.41 -8.82 30.16
N ASP C 476 37.84 -8.05 31.07
CA ASP C 476 37.29 -8.58 32.31
C ASP C 476 35.82 -8.95 32.17
N GLU C 477 35.22 -9.41 33.26
CA GLU C 477 33.84 -9.87 33.23
C GLU C 477 32.86 -8.71 33.41
N THR C 478 33.40 -7.51 33.53
CA THR C 478 32.58 -6.31 33.70
C THR C 478 32.10 -5.78 32.35
N TYR C 479 32.67 -6.31 31.27
CA TYR C 479 32.33 -5.86 29.93
C TYR C 479 31.14 -6.63 29.38
N CYS C 480 30.44 -6.04 28.43
CA CYS C 480 29.38 -6.73 27.73
C CYS C 480 29.53 -6.52 26.23
N ASP C 481 30.32 -7.36 25.60
CA ASP C 481 30.68 -7.15 24.21
C ASP C 481 29.52 -7.37 23.23
N PRO C 482 28.73 -8.44 23.38
CA PRO C 482 27.60 -8.77 22.52
C PRO C 482 26.61 -7.62 22.42
N ALA C 483 26.43 -6.89 23.52
CA ALA C 483 25.44 -5.82 23.60
C ALA C 483 25.89 -4.58 22.86
N SER C 484 27.13 -4.58 22.38
CA SER C 484 27.61 -3.43 21.61
C SER C 484 27.02 -3.46 20.21
N LEU C 485 26.41 -4.60 19.86
CA LEU C 485 25.78 -4.80 18.56
C LEU C 485 24.30 -4.41 18.58
N PHE C 486 23.83 -3.85 17.48
CA PHE C 486 22.45 -3.38 17.39
C PHE C 486 21.42 -4.44 17.76
N HIS C 487 21.54 -5.62 17.18
CA HIS C 487 20.54 -6.66 17.34
C HIS C 487 20.45 -7.19 18.75
N VAL C 488 21.57 -7.18 19.47
CA VAL C 488 21.55 -7.71 20.83
C VAL C 488 20.92 -6.71 21.79
N SER C 489 21.33 -5.46 21.71
CA SER C 489 20.83 -4.44 22.63
C SER C 489 19.37 -4.08 22.37
N ASN C 490 18.89 -4.29 21.15
CA ASN C 490 17.50 -3.96 20.83
C ASN C 490 16.57 -5.18 20.74
N ASP C 491 17.00 -6.30 21.32
CA ASP C 491 16.15 -7.48 21.41
C ASP C 491 15.64 -8.00 20.06
N TYR C 492 16.55 -8.23 19.13
CA TYR C 492 16.19 -8.83 17.85
C TYR C 492 16.72 -10.26 17.73
N SER C 493 16.02 -11.09 16.95
CA SER C 493 16.52 -12.41 16.60
C SER C 493 17.56 -12.27 15.49
N PHE C 494 18.62 -13.08 15.55
CA PHE C 494 19.70 -12.95 14.58
C PHE C 494 19.79 -14.16 13.65
N ILE C 495 19.32 -15.32 14.11
CA ILE C 495 19.43 -16.56 13.35
C ILE C 495 18.75 -16.46 11.99
N ARG C 496 17.86 -15.51 11.85
CA ARG C 496 17.11 -15.31 10.62
C ARG C 496 18.02 -14.99 9.43
N TYR C 497 19.26 -14.61 9.71
CA TYR C 497 20.21 -14.32 8.64
C TYR C 497 20.91 -15.59 8.17
N TYR C 498 21.00 -16.57 9.06
CA TYR C 498 21.63 -17.84 8.73
C TYR C 498 20.67 -18.62 7.86
N THR C 499 19.42 -18.71 8.32
CA THR C 499 18.38 -19.41 7.58
C THR C 499 17.78 -18.49 6.53
N ARG C 500 18.67 -17.83 5.79
CA ARG C 500 18.33 -16.92 4.70
C ARG C 500 19.28 -17.18 3.56
N THR C 501 20.56 -17.10 3.87
CA THR C 501 21.59 -17.41 2.89
C THR C 501 21.42 -18.81 2.35
N LEU C 502 21.08 -19.75 3.22
CA LEU C 502 20.94 -21.12 2.75
C LEU C 502 19.75 -21.26 1.80
N TYR C 503 18.65 -20.59 2.11
CA TYR C 503 17.46 -20.66 1.26
C TYR C 503 17.70 -19.95 -0.05
N GLN C 504 18.45 -18.86 0.01
CA GLN C 504 18.78 -18.05 -1.15
C GLN C 504 19.33 -18.90 -2.28
N PHE C 505 20.28 -19.77 -1.96
CA PHE C 505 20.89 -20.62 -2.97
C PHE C 505 20.01 -21.80 -3.34
N GLN C 506 19.24 -22.32 -2.39
CA GLN C 506 18.35 -23.43 -2.71
C GLN C 506 17.34 -23.02 -3.77
N PHE C 507 16.83 -21.79 -3.67
CA PHE C 507 15.88 -21.28 -4.64
C PHE C 507 16.53 -21.08 -6.01
N GLN C 508 17.73 -20.51 -6.03
CA GLN C 508 18.40 -20.25 -7.30
C GLN C 508 18.75 -21.52 -8.05
N GLU C 509 19.23 -22.53 -7.35
CA GLU C 509 19.57 -23.77 -8.03
C GLU C 509 18.32 -24.44 -8.56
N ALA C 510 17.26 -24.42 -7.75
CA ALA C 510 15.98 -25.03 -8.12
C ALA C 510 15.37 -24.34 -9.34
N LEU C 511 15.51 -23.01 -9.41
CA LEU C 511 14.95 -22.27 -10.52
C LEU C 511 15.78 -22.36 -11.81
N CYS C 512 17.10 -22.38 -11.67
CA CYS C 512 18.00 -22.48 -12.86
C CYS C 512 17.76 -23.74 -13.61
N GLN C 513 17.60 -24.89 -12.95
CA GLN C 513 17.35 -26.14 -13.65
C GLN C 513 15.99 -26.14 -14.32
N ALA C 514 15.05 -25.35 -13.80
CA ALA C 514 13.73 -25.22 -14.39
C ALA C 514 13.80 -24.35 -15.64
N ALA C 515 14.72 -23.39 -15.62
CA ALA C 515 14.91 -22.48 -16.74
C ALA C 515 15.85 -23.11 -17.78
N LYS C 516 16.27 -24.33 -17.51
CA LYS C 516 17.16 -25.08 -18.40
C LYS C 516 18.47 -24.35 -18.65
N HIS C 517 19.07 -23.87 -17.58
CA HIS C 517 20.40 -23.26 -17.65
C HIS C 517 21.43 -24.37 -17.65
N GLU C 518 22.43 -24.26 -18.51
CA GLU C 518 23.55 -25.21 -18.53
C GLU C 518 24.84 -24.43 -18.29
N GLY C 519 25.71 -25.00 -17.46
CA GLY C 519 26.97 -24.34 -17.13
C GLY C 519 26.91 -23.94 -15.66
N PRO C 520 27.93 -23.22 -15.19
CA PRO C 520 28.13 -22.78 -13.82
C PRO C 520 26.95 -21.98 -13.31
N LEU C 521 26.62 -22.19 -12.04
CA LEU C 521 25.46 -21.54 -11.42
C LEU C 521 25.62 -20.02 -11.36
N HIS C 522 26.85 -19.54 -11.21
CA HIS C 522 27.08 -18.11 -11.07
C HIS C 522 26.86 -17.36 -12.38
N LYS C 523 26.64 -18.10 -13.47
CA LYS C 523 26.33 -17.49 -14.75
C LYS C 523 24.84 -17.64 -15.15
N CYS C 524 24.02 -18.14 -14.22
CA CYS C 524 22.60 -18.37 -14.45
C CYS C 524 21.82 -17.07 -14.57
N ASP C 525 20.89 -17.01 -15.53
CA ASP C 525 19.99 -15.83 -15.64
C ASP C 525 18.57 -16.38 -15.67
N ILE C 526 17.62 -15.75 -14.98
CA ILE C 526 16.26 -16.36 -14.94
C ILE C 526 15.29 -15.55 -15.82
N SER C 527 15.75 -14.97 -16.93
CA SER C 527 14.87 -14.11 -17.76
C SER C 527 14.37 -14.86 -18.99
N ASN C 528 13.18 -14.51 -19.50
CA ASN C 528 12.54 -15.19 -20.66
C ASN C 528 12.06 -16.59 -20.25
N SER C 529 11.82 -16.82 -18.98
CA SER C 529 11.48 -18.20 -18.54
C SER C 529 10.22 -18.21 -17.71
N THR C 530 9.13 -18.78 -18.23
CA THR C 530 7.93 -18.90 -17.42
C THR C 530 7.93 -20.17 -16.61
N GLU C 531 8.80 -21.12 -16.98
CA GLU C 531 8.92 -22.37 -16.23
C GLU C 531 9.46 -22.11 -14.84
N ALA C 532 10.37 -21.15 -14.73
CA ALA C 532 10.95 -20.81 -13.44
C ALA C 532 10.10 -19.76 -12.73
N GLY C 533 9.46 -18.89 -13.51
CA GLY C 533 8.63 -17.85 -12.92
C GLY C 533 7.45 -18.44 -12.16
N GLN C 534 6.72 -19.35 -12.79
CA GLN C 534 5.55 -19.96 -12.16
C GLN C 534 5.96 -20.88 -11.02
N LYS C 535 7.15 -21.45 -11.11
CA LYS C 535 7.65 -22.35 -10.09
C LYS C 535 7.82 -21.63 -8.77
N LEU C 536 8.42 -20.45 -8.81
CA LEU C 536 8.61 -19.66 -7.60
C LEU C 536 7.29 -19.08 -7.11
N PHE C 537 6.49 -18.55 -8.03
CA PHE C 537 5.23 -17.91 -7.68
C PHE C 537 4.37 -18.82 -6.81
N ASN C 538 4.34 -20.10 -7.14
CA ASN C 538 3.47 -21.05 -6.46
C ASN C 538 3.72 -21.14 -4.95
N MET C 539 4.87 -20.66 -4.47
CA MET C 539 5.08 -20.67 -3.02
C MET C 539 4.95 -19.26 -2.42
N LEU C 540 4.75 -18.25 -3.26
CA LEU C 540 4.70 -16.89 -2.75
C LEU C 540 3.27 -16.58 -2.36
N ARG C 541 2.34 -17.16 -3.12
CA ARG C 541 0.91 -16.95 -2.91
C ARG C 541 0.45 -17.55 -1.58
N LEU C 542 1.26 -18.43 -1.02
CA LEU C 542 0.92 -19.16 0.19
C LEU C 542 0.91 -18.31 1.45
N GLY C 543 1.73 -17.26 1.50
CA GLY C 543 1.82 -16.47 2.72
C GLY C 543 2.21 -17.38 3.89
N LYS C 544 1.48 -17.31 4.99
CA LYS C 544 1.73 -18.15 6.16
C LYS C 544 0.69 -19.27 6.32
N SER C 545 -0.07 -19.55 5.27
CA SER C 545 -1.14 -20.55 5.37
C SER C 545 -0.60 -21.98 5.45
N GLU C 546 0.65 -22.17 5.07
CA GLU C 546 1.28 -23.49 5.10
C GLU C 546 2.63 -23.45 5.80
N PRO C 547 3.09 -24.57 6.38
CA PRO C 547 4.40 -24.76 6.96
C PRO C 547 5.50 -24.37 5.98
N TRP C 548 6.56 -23.77 6.50
CA TRP C 548 7.68 -23.37 5.65
C TRP C 548 8.35 -24.61 5.07
N THR C 549 8.14 -25.75 5.71
CA THR C 549 8.71 -27.02 5.27
C THR C 549 7.97 -27.56 4.06
N LEU C 550 6.80 -27.01 3.79
CA LEU C 550 6.02 -27.38 2.61
C LEU C 550 6.22 -26.34 1.52
N ALA C 551 6.27 -25.08 1.92
CA ALA C 551 6.50 -24.01 0.97
C ALA C 551 7.85 -24.20 0.26
N LEU C 552 8.82 -24.72 1.00
CA LEU C 552 10.14 -25.00 0.47
C LEU C 552 10.08 -26.17 -0.52
N GLU C 553 9.30 -27.19 -0.18
CA GLU C 553 9.17 -28.37 -1.02
C GLU C 553 8.60 -28.00 -2.40
N ASN C 554 7.70 -27.03 -2.42
CA ASN C 554 7.05 -26.61 -3.64
C ASN C 554 8.00 -26.03 -4.68
N VAL C 555 9.16 -25.55 -4.26
CA VAL C 555 10.13 -24.96 -5.20
C VAL C 555 11.40 -25.78 -5.28
N VAL C 556 11.95 -26.12 -4.13
CA VAL C 556 13.23 -26.80 -4.06
C VAL C 556 13.04 -28.32 -4.07
N GLY C 557 12.06 -28.77 -3.31
CA GLY C 557 11.77 -30.20 -3.20
C GLY C 557 12.23 -30.75 -1.85
N ALA C 558 13.02 -29.95 -1.16
CA ALA C 558 13.50 -30.31 0.17
C ALA C 558 12.44 -29.98 1.21
N LYS C 559 12.51 -30.65 2.36
CA LYS C 559 11.62 -30.34 3.47
C LYS C 559 12.41 -29.66 4.59
N ASN C 560 13.66 -29.32 4.29
CA ASN C 560 14.54 -28.64 5.23
C ASN C 560 15.56 -27.81 4.47
N MET C 561 16.41 -27.10 5.20
CA MET C 561 17.47 -26.31 4.59
C MET C 561 18.67 -27.20 4.25
N ASN C 562 19.44 -26.78 3.24
CA ASN C 562 20.61 -27.56 2.83
C ASN C 562 21.78 -26.63 2.57
N VAL C 563 22.92 -27.22 2.21
CA VAL C 563 24.12 -26.44 1.93
C VAL C 563 24.67 -26.76 0.55
N ARG C 564 24.18 -27.83 -0.06
CA ARG C 564 24.71 -28.24 -1.35
C ARG C 564 24.70 -27.11 -2.39
N PRO C 565 23.58 -26.40 -2.62
CA PRO C 565 23.45 -25.28 -3.54
C PRO C 565 24.48 -24.18 -3.29
N LEU C 566 24.78 -23.95 -2.01
CA LEU C 566 25.75 -22.91 -1.64
C LEU C 566 27.15 -23.34 -2.04
N LEU C 567 27.49 -24.58 -1.74
CA LEU C 567 28.80 -25.11 -2.06
C LEU C 567 28.99 -25.23 -3.57
N ASN C 568 27.90 -25.52 -4.28
CA ASN C 568 27.95 -25.60 -5.73
C ASN C 568 28.16 -24.22 -6.35
N TYR C 569 27.47 -23.22 -5.82
CA TYR C 569 27.60 -21.85 -6.32
C TYR C 569 29.05 -21.41 -6.30
N PHE C 570 29.73 -21.70 -5.20
CA PHE C 570 31.11 -21.27 -5.02
C PHE C 570 32.11 -22.35 -5.43
N GLU C 571 31.65 -23.42 -6.05
CA GLU C 571 32.56 -24.49 -6.45
C GLU C 571 33.71 -24.03 -7.36
N PRO C 572 33.45 -23.16 -8.36
CA PRO C 572 34.44 -22.61 -9.28
C PRO C 572 35.47 -21.75 -8.54
N LEU C 573 35.12 -21.30 -7.34
CA LEU C 573 36.03 -20.50 -6.52
C LEU C 573 36.78 -21.40 -5.57
N PHE C 574 36.09 -22.41 -5.07
CA PHE C 574 36.67 -23.33 -4.10
C PHE C 574 37.85 -24.06 -4.69
N THR C 575 37.71 -24.57 -5.90
CA THR C 575 38.81 -25.28 -6.55
C THR C 575 39.97 -24.33 -6.80
N TRP C 576 39.67 -23.08 -7.12
CA TRP C 576 40.70 -22.08 -7.32
C TRP C 576 41.45 -21.82 -6.02
N LEU C 577 40.69 -21.66 -4.93
CA LEU C 577 41.29 -21.40 -3.62
C LEU C 577 42.19 -22.56 -3.20
N LYS C 578 41.74 -23.78 -3.50
CA LYS C 578 42.54 -24.95 -3.16
C LYS C 578 43.91 -24.90 -3.82
N ASP C 579 43.97 -24.32 -5.02
CA ASP C 579 45.23 -24.23 -5.76
C ASP C 579 46.02 -22.98 -5.36
N GLN C 580 45.50 -22.20 -4.43
CA GLN C 580 46.19 -21.02 -3.91
C GLN C 580 46.75 -21.30 -2.52
N ASN C 581 46.11 -22.21 -1.80
CA ASN C 581 46.46 -22.51 -0.42
C ASN C 581 47.42 -23.69 -0.42
N LYS C 582 47.95 -24.04 -1.58
CA LYS C 582 48.86 -25.18 -1.70
C LYS C 582 50.03 -25.09 -0.71
N ASN C 583 50.58 -23.89 -0.59
CA ASN C 583 51.73 -23.66 0.29
C ASN C 583 51.43 -22.94 1.60
N SER C 584 50.20 -23.08 2.10
CA SER C 584 49.82 -22.40 3.33
C SER C 584 49.04 -23.33 4.26
N PHE C 585 48.94 -22.93 5.52
CA PHE C 585 48.20 -23.70 6.51
C PHE C 585 46.71 -23.37 6.47
N VAL C 586 45.89 -24.41 6.40
CA VAL C 586 44.44 -24.24 6.39
C VAL C 586 43.87 -24.65 7.73
N GLY C 587 43.20 -23.71 8.40
CA GLY C 587 42.75 -23.90 9.77
C GLY C 587 43.39 -22.84 10.65
N TRP C 588 43.25 -22.99 11.96
CA TRP C 588 43.85 -22.04 12.89
C TRP C 588 44.08 -22.64 14.27
N SER C 589 45.09 -22.13 14.97
CA SER C 589 45.37 -22.51 16.35
C SER C 589 44.69 -21.55 17.31
N THR C 590 43.99 -22.11 18.28
CA THR C 590 43.24 -21.33 19.27
C THR C 590 44.09 -20.97 20.47
N ASP C 591 45.33 -21.45 20.49
CA ASP C 591 46.24 -21.20 21.60
C ASP C 591 47.09 -19.96 21.36
N TRP C 592 46.84 -19.27 20.26
CA TRP C 592 47.58 -18.07 19.91
C TRP C 592 46.77 -16.81 20.19
N SER C 593 47.45 -15.77 20.66
CA SER C 593 46.82 -14.48 20.87
C SER C 593 47.79 -13.35 20.47
N PRO C 594 47.27 -12.21 20.01
CA PRO C 594 47.99 -10.97 19.73
C PRO C 594 48.87 -10.48 20.88
N TYR C 595 48.44 -10.74 22.11
CA TYR C 595 49.14 -10.32 23.33
C TYR C 595 49.73 -11.55 24.03
N ASN D 25 -42.31 9.55 -24.14
CA ASN D 25 -41.41 9.87 -23.00
C ASN D 25 -40.32 8.80 -23.10
N LEU D 26 -39.09 9.21 -23.45
CA LEU D 26 -37.96 8.25 -23.49
C LEU D 26 -37.74 7.84 -22.04
N CYS D 27 -36.83 6.89 -21.77
CA CYS D 27 -36.71 6.35 -20.39
C CYS D 27 -35.69 7.11 -19.55
N PRO D 28 -35.93 7.22 -18.23
CA PRO D 28 -35.05 7.90 -17.31
C PRO D 28 -33.84 7.04 -16.97
N PHE D 29 -33.03 6.76 -17.98
CA PHE D 29 -31.81 5.93 -17.80
C PHE D 29 -30.61 6.87 -17.64
N ASP D 30 -30.78 8.14 -17.98
CA ASP D 30 -29.74 9.12 -17.78
C ASP D 30 -29.61 9.49 -16.31
N GLU D 31 -30.76 9.62 -15.64
CA GLU D 31 -30.78 10.05 -14.25
C GLU D 31 -30.49 8.92 -13.26
N VAL D 32 -30.32 7.70 -13.77
CA VAL D 32 -29.92 6.58 -12.92
C VAL D 32 -28.40 6.49 -12.89
N PHE D 33 -27.79 6.63 -14.06
CA PHE D 33 -26.34 6.54 -14.20
C PHE D 33 -25.59 7.80 -13.73
N ASN D 34 -26.23 8.99 -13.88
CA ASN D 34 -25.59 10.26 -13.52
C ASN D 34 -26.05 10.80 -12.17
N ALA D 35 -26.59 9.93 -11.31
CA ALA D 35 -27.02 10.32 -9.96
C ALA D 35 -25.81 10.72 -9.11
N THR D 36 -25.99 11.74 -8.28
CA THR D 36 -24.89 12.21 -7.44
C THR D 36 -24.46 11.18 -6.41
N THR D 37 -25.43 10.47 -5.84
CA THR D 37 -25.12 9.49 -4.81
C THR D 37 -25.77 8.15 -5.09
N PHE D 38 -25.02 7.09 -4.79
CA PHE D 38 -25.52 5.73 -4.89
C PHE D 38 -25.73 5.14 -3.50
N ALA D 39 -26.66 4.22 -3.39
CA ALA D 39 -26.97 3.56 -2.12
C ALA D 39 -25.88 2.59 -1.72
N SER D 40 -25.88 2.25 -0.43
CA SER D 40 -24.92 1.27 0.11
C SER D 40 -25.40 -0.12 -0.26
N VAL D 41 -24.50 -1.10 -0.25
CA VAL D 41 -24.82 -2.44 -0.72
C VAL D 41 -25.78 -3.19 0.22
N TYR D 42 -25.71 -2.93 1.52
CA TYR D 42 -26.64 -3.61 2.44
C TYR D 42 -28.06 -3.11 2.27
N ALA D 43 -28.21 -1.92 1.68
CA ALA D 43 -29.52 -1.31 1.47
C ALA D 43 -29.61 -0.72 0.07
N TRP D 44 -29.55 -1.58 -0.94
CA TRP D 44 -29.48 -1.14 -2.34
C TRP D 44 -30.77 -0.49 -2.80
N ASN D 45 -30.66 0.41 -3.78
CA ASN D 45 -31.79 1.19 -4.27
C ASN D 45 -32.41 0.60 -5.53
N ARG D 46 -33.68 0.21 -5.42
CA ARG D 46 -34.42 -0.39 -6.53
C ARG D 46 -35.26 0.64 -7.29
N LYS D 47 -34.85 0.96 -8.51
CA LYS D 47 -35.61 1.90 -9.35
C LYS D 47 -36.46 1.12 -10.35
N ARG D 48 -37.67 1.61 -10.62
CA ARG D 48 -38.53 0.95 -11.59
C ARG D 48 -38.76 1.82 -12.81
N ILE D 49 -38.40 1.29 -13.98
CA ILE D 49 -38.57 1.98 -15.25
C ILE D 49 -39.68 1.34 -16.07
N SER D 50 -40.66 2.15 -16.47
CA SER D 50 -41.81 1.64 -17.22
C SER D 50 -42.48 2.74 -18.04
N ASN D 51 -43.40 2.35 -18.92
CA ASN D 51 -44.18 3.27 -19.73
C ASN D 51 -43.32 4.27 -20.52
N CYS D 52 -42.25 3.76 -21.13
CA CYS D 52 -41.29 4.66 -21.81
C CYS D 52 -40.40 3.91 -22.81
N VAL D 53 -40.16 4.50 -23.98
CA VAL D 53 -39.24 3.90 -25.00
C VAL D 53 -37.82 3.94 -24.44
N ALA D 54 -36.98 2.96 -24.78
CA ALA D 54 -35.64 2.91 -24.16
C ALA D 54 -34.54 2.81 -25.22
N ASP D 55 -33.71 3.85 -25.32
CA ASP D 55 -32.59 3.85 -26.30
C ASP D 55 -31.37 3.14 -25.69
N TYR D 56 -31.41 1.81 -25.63
CA TYR D 56 -30.24 1.05 -25.11
C TYR D 56 -29.03 1.38 -25.97
N SER D 57 -29.19 2.31 -26.91
CA SER D 57 -28.08 2.65 -27.84
C SER D 57 -26.85 3.12 -27.07
N VAL D 58 -27.06 3.98 -26.07
CA VAL D 58 -25.93 4.47 -25.25
C VAL D 58 -25.31 3.25 -24.54
N LEU D 59 -26.14 2.27 -24.17
CA LEU D 59 -25.63 1.13 -23.36
C LEU D 59 -24.42 0.48 -24.03
N TYR D 60 -24.27 0.58 -25.35
CA TYR D 60 -23.15 -0.17 -26.00
C TYR D 60 -22.05 0.79 -26.46
N ASN D 61 -22.17 2.10 -26.21
CA ASN D 61 -21.14 3.04 -26.74
C ASN D 61 -20.56 3.91 -25.63
N PHE D 62 -20.36 3.35 -24.43
CA PHE D 62 -19.71 4.13 -23.34
C PHE D 62 -18.35 3.53 -23.00
N ALA D 63 -17.46 4.31 -22.38
CA ALA D 63 -16.08 3.82 -22.13
C ALA D 63 -15.81 3.54 -20.64
N PHE D 65 -17.92 2.72 -18.17
CA PHE D 65 -18.68 1.49 -17.83
C PHE D 65 -17.83 0.30 -18.26
N PHE D 66 -16.78 0.01 -17.50
CA PHE D 66 -15.80 -1.04 -17.86
C PHE D 66 -16.46 -2.41 -18.03
N ALA D 67 -17.52 -2.70 -17.29
CA ALA D 67 -18.08 -4.07 -17.39
C ALA D 67 -19.50 -4.05 -17.89
N PHE D 68 -19.70 -4.11 -19.20
CA PHE D 68 -21.09 -4.25 -19.70
C PHE D 68 -21.33 -5.73 -19.94
N LYS D 69 -21.37 -6.53 -18.87
CA LYS D 69 -21.60 -7.95 -18.97
C LYS D 69 -23.08 -8.25 -19.06
N CYS D 70 -23.44 -9.33 -19.76
CA CYS D 70 -24.86 -9.75 -19.94
C CYS D 70 -24.99 -11.25 -19.76
N TYR D 71 -26.19 -11.64 -19.33
CA TYR D 71 -26.47 -13.04 -19.05
C TYR D 71 -27.72 -13.57 -19.74
N GLY D 72 -27.65 -13.79 -21.04
CA GLY D 72 -28.75 -14.45 -21.75
C GLY D 72 -29.39 -13.54 -22.79
N VAL D 73 -29.27 -12.23 -22.60
CA VAL D 73 -29.81 -11.29 -23.56
C VAL D 73 -28.75 -10.35 -24.12
N SER D 74 -28.29 -10.63 -25.35
CA SER D 74 -27.33 -9.74 -26.02
C SER D 74 -27.97 -8.38 -26.21
N PRO D 75 -27.23 -7.29 -25.95
CA PRO D 75 -27.70 -5.92 -25.89
C PRO D 75 -28.33 -5.51 -27.23
N THR D 76 -28.04 -6.29 -28.26
CA THR D 76 -28.55 -6.07 -29.60
C THR D 76 -30.02 -6.39 -29.91
N LYS D 77 -30.59 -7.28 -29.11
CA LYS D 77 -31.98 -7.68 -29.31
C LYS D 77 -33.00 -7.00 -28.37
N LEU D 78 -32.42 -6.26 -27.44
CA LEU D 78 -33.19 -5.71 -26.33
C LEU D 78 -33.89 -4.51 -26.94
N ASN D 79 -33.27 -3.93 -27.97
CA ASN D 79 -33.85 -2.75 -28.65
C ASN D 79 -34.94 -3.22 -29.63
N ASP D 80 -35.26 -4.51 -29.62
CA ASP D 80 -36.34 -5.07 -30.48
C ASP D 80 -37.30 -5.85 -29.60
N LEU D 81 -37.21 -5.68 -28.28
CA LEU D 81 -38.05 -6.41 -27.34
C LEU D 81 -38.86 -5.47 -26.44
N CYS D 82 -40.13 -5.79 -26.24
CA CYS D 82 -40.96 -4.98 -25.34
C CYS D 82 -41.04 -5.64 -23.97
N PHE D 83 -40.40 -5.02 -22.99
CA PHE D 83 -40.34 -5.58 -21.64
C PHE D 83 -41.39 -4.96 -20.75
N THR D 84 -42.02 -5.76 -19.91
CA THR D 84 -43.08 -5.29 -19.03
C THR D 84 -42.57 -4.34 -17.94
N ASN D 85 -41.40 -4.66 -17.39
CA ASN D 85 -40.75 -3.83 -16.38
C ASN D 85 -39.24 -3.94 -16.47
N VAL D 86 -38.55 -2.81 -16.28
CA VAL D 86 -37.10 -2.82 -16.17
C VAL D 86 -36.68 -2.29 -14.81
N TYR D 87 -35.93 -3.09 -14.07
CA TYR D 87 -35.51 -2.67 -12.74
C TYR D 87 -34.02 -2.37 -12.71
N ALA D 88 -33.67 -1.19 -12.20
CA ALA D 88 -32.28 -0.80 -12.12
C ALA D 88 -31.83 -0.74 -10.66
N ASP D 89 -31.01 -1.71 -10.25
CA ASP D 89 -30.55 -1.77 -8.87
C ASP D 89 -29.16 -1.17 -8.75
N SER D 90 -29.08 -0.05 -8.04
CA SER D 90 -27.82 0.67 -7.94
C SER D 90 -27.23 0.62 -6.53
N PHE D 91 -25.92 0.40 -6.47
CA PHE D 91 -25.20 0.37 -5.20
C PHE D 91 -23.68 0.47 -5.37
N VAL D 92 -22.98 0.75 -4.28
CA VAL D 92 -21.51 0.84 -4.30
C VAL D 92 -20.83 -0.31 -3.55
N ILE D 93 -19.89 -0.97 -4.23
CA ILE D 93 -19.09 -2.06 -3.67
C ILE D 93 -17.62 -1.89 -4.02
N ARG D 94 -16.75 -2.75 -3.47
CA ARG D 94 -15.33 -2.73 -3.82
C ARG D 94 -15.10 -3.39 -5.17
N GLY D 95 -14.01 -3.00 -5.83
CA GLY D 95 -13.68 -3.56 -7.14
C GLY D 95 -13.55 -5.07 -7.14
N ASN D 96 -12.98 -5.63 -6.08
CA ASN D 96 -12.79 -7.07 -6.02
C ASN D 96 -14.05 -7.81 -5.57
N GLU D 97 -15.15 -7.09 -5.42
CA GLU D 97 -16.43 -7.67 -5.08
C GLU D 97 -17.37 -7.66 -6.28
N VAL D 98 -16.94 -7.07 -7.39
CA VAL D 98 -17.78 -6.95 -8.58
C VAL D 98 -18.16 -8.32 -9.12
N SER D 99 -17.23 -9.26 -9.03
CA SER D 99 -17.45 -10.62 -9.52
C SER D 99 -18.53 -11.36 -8.73
N GLN D 100 -18.90 -10.84 -7.57
CA GLN D 100 -19.92 -11.50 -6.75
C GLN D 100 -21.33 -11.12 -7.17
N ILE D 101 -21.43 -10.19 -8.12
CA ILE D 101 -22.73 -9.71 -8.57
C ILE D 101 -23.23 -10.59 -9.72
N ALA D 102 -22.34 -11.40 -10.27
CA ALA D 102 -22.70 -12.34 -11.32
C ALA D 102 -23.54 -13.47 -10.71
N PRO D 103 -24.48 -14.04 -11.45
CA PRO D 103 -25.33 -15.15 -11.06
C PRO D 103 -24.48 -16.40 -10.87
N GLY D 104 -24.83 -17.20 -9.86
CA GLY D 104 -24.11 -18.43 -9.59
C GLY D 104 -22.94 -18.23 -8.64
N GLN D 105 -22.67 -16.99 -8.26
CA GLN D 105 -21.55 -16.69 -7.38
C GLN D 105 -21.95 -16.62 -5.91
N THR D 106 -20.97 -16.80 -5.04
CA THR D 106 -21.18 -16.73 -3.59
C THR D 106 -20.14 -15.82 -2.95
N GLY D 107 -20.36 -15.45 -1.69
CA GLY D 107 -19.41 -14.60 -0.98
C GLY D 107 -20.11 -13.66 0.01
N ASN D 108 -19.34 -12.78 0.66
CA ASN D 108 -19.92 -11.89 1.69
C ASN D 108 -20.95 -10.93 1.09
N ILE D 109 -20.83 -10.58 -0.20
CA ILE D 109 -21.81 -9.70 -0.83
C ILE D 109 -22.93 -10.52 -1.44
N ALA D 110 -22.58 -11.55 -2.17
CA ALA D 110 -23.56 -12.38 -2.84
C ALA D 110 -24.54 -13.04 -1.86
N ASP D 111 -24.05 -13.40 -0.67
CA ASP D 111 -24.89 -14.13 0.28
C ASP D 111 -25.56 -13.27 1.36
N TYR D 112 -24.94 -12.15 1.73
CA TYR D 112 -25.49 -11.38 2.85
C TYR D 112 -26.01 -10.00 2.47
N ASN D 113 -25.76 -9.55 1.24
CA ASN D 113 -26.14 -8.20 0.85
C ASN D 113 -27.03 -8.17 -0.39
N TYR D 114 -26.47 -8.59 -1.52
CA TYR D 114 -27.21 -8.56 -2.79
C TYR D 114 -27.19 -9.91 -3.47
N LYS D 115 -28.26 -10.67 -3.29
CA LYS D 115 -28.32 -12.01 -3.87
C LYS D 115 -29.02 -11.99 -5.22
N LEU D 116 -28.31 -12.44 -6.25
CA LEU D 116 -28.86 -12.50 -7.59
C LEU D 116 -29.05 -13.98 -7.94
N PRO D 117 -30.19 -14.38 -8.53
CA PRO D 117 -30.56 -15.74 -8.83
C PRO D 117 -29.74 -16.34 -9.95
N ASP D 118 -29.65 -17.67 -9.98
CA ASP D 118 -28.96 -18.36 -11.06
C ASP D 118 -29.69 -18.12 -12.38
N ASP D 119 -31.01 -18.08 -12.32
CA ASP D 119 -31.83 -17.81 -13.49
C ASP D 119 -32.00 -16.29 -13.67
N PHE D 120 -30.92 -15.64 -14.08
CA PHE D 120 -30.91 -14.19 -14.19
C PHE D 120 -30.98 -13.72 -15.63
N THR D 121 -31.89 -12.79 -15.89
CA THR D 121 -32.03 -12.18 -17.20
C THR D 121 -31.74 -10.70 -17.12
N GLY D 122 -30.66 -10.26 -17.76
CA GLY D 122 -30.27 -8.87 -17.69
C GLY D 122 -28.79 -8.67 -17.87
N CYS D 123 -28.32 -7.46 -17.54
CA CYS D 123 -26.94 -7.05 -17.72
C CYS D 123 -26.41 -6.32 -16.48
N VAL D 124 -25.12 -6.51 -16.20
CA VAL D 124 -24.47 -5.85 -15.07
C VAL D 124 -23.45 -4.82 -15.55
N ILE D 125 -23.69 -3.57 -15.20
CA ILE D 125 -22.82 -2.48 -15.63
C ILE D 125 -22.07 -1.88 -14.45
N ALA D 126 -20.74 -1.81 -14.55
CA ALA D 126 -19.94 -1.28 -13.45
C ALA D 126 -18.87 -0.33 -13.95
N TRP D 127 -18.58 0.69 -13.15
CA TRP D 127 -17.49 1.61 -13.48
C TRP D 127 -16.83 2.14 -12.23
N ASN D 128 -15.56 2.51 -12.36
CA ASN D 128 -14.79 3.04 -11.24
C ASN D 128 -15.27 4.43 -10.85
N SER D 129 -15.44 4.64 -9.55
CA SER D 129 -15.90 5.93 -9.04
C SER D 129 -14.99 6.44 -7.93
N ASN D 130 -13.68 6.22 -8.08
CA ASN D 130 -12.70 6.60 -7.07
C ASN D 130 -12.66 8.09 -6.80
N LYS D 131 -13.06 8.90 -7.78
CA LYS D 131 -12.95 10.37 -7.60
C LYS D 131 -14.27 10.91 -7.08
N LEU D 132 -15.30 10.06 -7.01
CA LEU D 132 -16.63 10.53 -6.63
C LEU D 132 -16.99 10.08 -5.21
N ASP D 133 -16.64 8.84 -4.87
CA ASP D 133 -17.10 8.22 -3.64
C ASP D 133 -16.00 8.00 -2.61
N SER D 134 -14.90 8.74 -2.72
CA SER D 134 -13.80 8.57 -1.79
C SER D 134 -13.24 9.88 -1.29
N THR D 135 -12.75 9.87 -0.05
CA THR D 135 -12.14 11.08 0.52
C THR D 135 -10.88 10.75 1.29
N VAL D 136 -10.10 11.77 1.61
CA VAL D 136 -8.80 11.58 2.24
C VAL D 136 -8.95 11.07 3.68
N GLY D 137 -9.91 11.64 4.40
CA GLY D 137 -10.14 11.25 5.79
C GLY D 137 -10.81 9.88 5.90
N GLY D 138 -11.31 9.37 4.78
CA GLY D 138 -11.99 8.08 4.73
C GLY D 138 -13.50 8.23 4.62
N ASN D 139 -14.07 7.71 3.54
CA ASN D 139 -15.51 7.79 3.33
C ASN D 139 -16.20 6.58 3.95
N TYR D 140 -16.85 6.81 5.10
CA TYR D 140 -17.47 5.75 5.87
C TYR D 140 -18.98 5.77 5.74
N ASN D 141 -19.48 6.45 4.72
CA ASN D 141 -20.91 6.56 4.53
C ASN D 141 -21.48 5.32 3.86
N TYR D 142 -20.59 4.42 3.44
CA TYR D 142 -21.01 3.18 2.80
C TYR D 142 -20.79 2.00 3.72
N ARG D 143 -21.81 1.16 3.86
CA ARG D 143 -21.74 0.06 4.85
C ARG D 143 -22.33 -1.21 4.27
N TYR D 144 -21.71 -2.36 4.54
CA TYR D 144 -22.22 -3.67 4.07
C TYR D 144 -22.52 -4.57 5.26
N ARG D 145 -23.29 -5.62 5.06
CA ARG D 145 -23.53 -6.57 6.13
C ARG D 145 -22.46 -7.63 6.15
N LEU D 146 -21.91 -7.93 7.32
CA LEU D 146 -20.81 -8.93 7.41
C LEU D 146 -21.29 -10.15 8.20
N PHE D 147 -22.27 -9.99 9.09
CA PHE D 147 -22.78 -11.16 9.79
C PHE D 147 -24.28 -11.32 9.67
N ARG D 148 -24.72 -12.56 9.53
CA ARG D 148 -26.14 -12.88 9.45
C ARG D 148 -26.38 -14.33 9.86
N LYS D 149 -27.59 -14.60 10.33
CA LYS D 149 -27.96 -15.97 10.77
C LYS D 149 -28.06 -16.91 9.57
N SER D 150 -28.57 -16.43 8.43
CA SER D 150 -28.76 -17.25 7.23
C SER D 150 -28.52 -16.43 5.97
N LYS D 151 -28.29 -17.14 4.86
CA LYS D 151 -28.04 -16.48 3.59
C LYS D 151 -29.34 -15.98 2.96
N LEU D 152 -29.22 -14.93 2.13
CA LEU D 152 -30.38 -14.30 1.49
C LEU D 152 -30.91 -15.07 0.30
N LYS D 153 -32.19 -14.85 0.02
CA LYS D 153 -32.83 -15.34 -1.20
C LYS D 153 -32.70 -14.26 -2.27
N PRO D 154 -32.86 -14.60 -3.55
CA PRO D 154 -32.76 -13.68 -4.66
C PRO D 154 -33.64 -12.45 -4.48
N PHE D 155 -33.04 -11.29 -4.72
CA PHE D 155 -33.72 -9.99 -4.74
C PHE D 155 -34.39 -9.58 -3.43
N GLU D 156 -34.01 -10.17 -2.30
CA GLU D 156 -34.51 -9.67 -1.02
C GLU D 156 -33.42 -8.95 -0.25
N ARG D 157 -33.80 -8.06 0.66
CA ARG D 157 -32.81 -7.39 1.50
C ARG D 157 -33.34 -7.09 2.88
N ASP D 158 -32.46 -7.18 3.88
CA ASP D 158 -32.79 -6.77 5.23
C ASP D 158 -31.89 -5.62 5.68
N ILE D 159 -32.49 -4.65 6.36
CA ILE D 159 -31.75 -3.49 6.82
C ILE D 159 -31.76 -3.41 8.34
N SER D 160 -32.02 -4.55 8.98
CA SER D 160 -31.99 -4.67 10.43
C SER D 160 -30.59 -4.47 10.99
N THR D 161 -30.50 -3.74 12.11
CA THR D 161 -29.22 -3.48 12.76
C THR D 161 -29.12 -4.20 14.10
N GLU D 162 -30.03 -5.14 14.32
CA GLU D 162 -30.06 -5.89 15.58
C GLU D 162 -28.77 -6.67 15.79
N ILE D 163 -28.31 -6.68 17.04
CA ILE D 163 -27.04 -7.31 17.39
C ILE D 163 -27.04 -8.80 17.13
N TYR D 164 -25.98 -9.26 16.46
CA TYR D 164 -25.79 -10.65 16.10
C TYR D 164 -25.03 -11.39 17.20
N GLN D 165 -25.59 -12.49 17.67
CA GLN D 165 -24.93 -13.25 18.72
C GLN D 165 -24.26 -14.49 18.14
N ALA D 166 -22.97 -14.63 18.43
CA ALA D 166 -22.20 -15.77 17.95
C ALA D 166 -22.22 -16.89 18.98
N GLY D 167 -22.36 -16.53 20.25
CA GLY D 167 -22.29 -17.48 21.34
C GLY D 167 -23.54 -18.08 21.97
N ASN D 168 -23.38 -18.64 23.17
CA ASN D 168 -24.47 -19.24 23.92
C ASN D 168 -25.42 -18.44 24.94
N LYS D 169 -24.98 -17.19 25.07
CA LYS D 169 -25.66 -16.24 25.94
C LYS D 169 -26.12 -14.90 25.39
N PRO D 170 -27.41 -14.60 25.45
CA PRO D 170 -28.02 -13.36 25.01
C PRO D 170 -27.35 -12.18 25.71
N CYS D 171 -27.05 -11.14 24.93
CA CYS D 171 -26.43 -9.91 25.42
C CYS D 171 -27.42 -8.78 25.47
N ASN D 172 -28.63 -9.02 24.98
CA ASN D 172 -29.71 -8.05 25.02
C ASN D 172 -29.34 -6.70 24.41
N GLY D 173 -28.67 -6.73 23.26
CA GLY D 173 -28.38 -5.50 22.52
C GLY D 173 -27.00 -4.92 22.82
N VAL D 174 -26.33 -5.45 23.83
CA VAL D 174 -25.00 -4.97 24.16
C VAL D 174 -23.92 -5.74 23.40
N ALA D 175 -23.11 -5.03 22.62
CA ALA D 175 -22.08 -5.70 21.83
C ALA D 175 -20.84 -6.00 22.66
N GLY D 176 -20.97 -7.04 23.50
CA GLY D 176 -19.86 -7.50 24.35
C GLY D 176 -19.20 -8.70 23.68
N VAL D 177 -18.69 -9.63 24.50
CA VAL D 177 -18.00 -10.79 23.92
C VAL D 177 -19.04 -11.74 23.36
N ASN D 178 -18.79 -12.25 22.16
CA ASN D 178 -19.73 -13.08 21.41
C ASN D 178 -21.02 -12.40 20.94
N CYS D 179 -21.00 -11.06 20.88
CA CYS D 179 -22.04 -10.24 20.27
C CYS D 179 -21.40 -9.18 19.39
N TYR D 180 -21.93 -9.03 18.18
CA TYR D 180 -21.34 -8.09 17.24
C TYR D 180 -22.39 -7.24 16.57
N PHE D 181 -21.99 -6.03 16.17
CA PHE D 181 -22.83 -5.22 15.32
C PHE D 181 -22.66 -5.74 13.88
N PRO D 182 -23.75 -6.13 13.20
CA PRO D 182 -23.59 -6.73 11.89
C PRO D 182 -23.05 -5.76 10.83
N LEU D 183 -23.76 -4.68 10.50
CA LEU D 183 -23.38 -3.74 9.39
C LEU D 183 -22.00 -3.11 9.60
N GLN D 184 -20.95 -3.71 9.06
CA GLN D 184 -19.60 -3.11 9.11
C GLN D 184 -19.54 -2.03 8.05
N SER D 185 -18.48 -1.21 8.02
CA SER D 185 -18.45 -0.04 7.09
C SER D 185 -17.20 -0.07 6.24
N TYR D 186 -17.31 0.40 5.01
CA TYR D 186 -16.10 0.52 4.16
C TYR D 186 -15.43 1.84 4.55
N GLY D 187 -14.22 2.05 4.10
CA GLY D 187 -13.47 3.26 4.39
C GLY D 187 -12.71 3.67 3.15
N PHE D 188 -13.44 4.14 2.15
CA PHE D 188 -12.83 4.33 0.85
C PHE D 188 -11.89 5.52 0.86
N ARG D 189 -10.70 5.31 0.32
CA ARG D 189 -9.66 6.34 0.24
C ARG D 189 -9.04 6.33 -1.15
N PRO D 190 -8.67 7.50 -1.67
CA PRO D 190 -8.22 7.76 -3.03
C PRO D 190 -6.94 7.03 -3.41
N THR D 191 -6.17 6.60 -2.42
CA THR D 191 -4.88 5.98 -2.69
C THR D 191 -4.91 4.45 -2.62
N TYR D 192 -6.10 3.87 -2.44
CA TYR D 192 -6.23 2.41 -2.37
C TYR D 192 -5.92 1.76 -3.71
N GLY D 193 -5.52 0.49 -3.66
CA GLY D 193 -5.32 -0.27 -4.89
C GLY D 193 -6.65 -0.48 -5.56
N VAL D 194 -6.63 -0.81 -6.85
CA VAL D 194 -7.84 -0.87 -7.64
C VAL D 194 -8.89 -1.78 -7.03
N GLY D 195 -8.47 -2.93 -6.52
CA GLY D 195 -9.40 -3.91 -5.98
C GLY D 195 -10.15 -3.38 -4.77
N HIS D 196 -9.60 -2.35 -4.13
CA HIS D 196 -10.21 -1.77 -2.93
C HIS D 196 -10.83 -0.41 -3.21
N GLN D 197 -10.85 0.01 -4.47
CA GLN D 197 -11.49 1.26 -4.84
C GLN D 197 -12.99 1.00 -5.00
N PRO D 198 -13.82 2.02 -4.78
CA PRO D 198 -15.26 1.97 -4.96
C PRO D 198 -15.65 1.87 -6.41
N TYR D 199 -16.64 1.03 -6.68
CA TYR D 199 -17.23 0.90 -8.00
C TYR D 199 -18.73 1.09 -7.92
N ARG D 200 -19.28 1.79 -8.89
CA ARG D 200 -20.71 1.98 -8.96
C ARG D 200 -21.31 0.92 -9.86
N VAL D 201 -22.23 0.15 -9.31
CA VAL D 201 -22.82 -0.95 -10.04
C VAL D 201 -24.29 -0.72 -10.29
N VAL D 202 -24.70 -0.86 -11.54
CA VAL D 202 -26.10 -0.77 -11.91
C VAL D 202 -26.52 -2.08 -12.58
N VAL D 203 -27.37 -2.83 -11.90
CA VAL D 203 -27.84 -4.10 -12.45
C VAL D 203 -29.19 -3.90 -13.11
N LEU D 204 -29.28 -4.21 -14.39
CA LEU D 204 -30.53 -4.04 -15.12
C LEU D 204 -31.23 -5.38 -15.29
N SER D 205 -32.32 -5.55 -14.56
CA SER D 205 -33.10 -6.78 -14.57
C SER D 205 -34.35 -6.62 -15.42
N PHE D 206 -34.54 -7.52 -16.37
CA PHE D 206 -35.67 -7.39 -17.29
C PHE D 206 -36.73 -8.45 -17.02
N GLU D 207 -37.95 -7.99 -16.68
CA GLU D 207 -39.07 -8.88 -16.35
C GLU D 207 -39.97 -9.08 -17.57
N THR D 214 -44.57 -2.73 -21.46
CA THR D 214 -44.60 -1.32 -21.09
C THR D 214 -43.32 -0.63 -21.53
N VAL D 215 -42.22 -1.37 -21.71
CA VAL D 215 -40.92 -0.71 -22.03
C VAL D 215 -40.44 -1.13 -23.42
N CYS D 216 -41.21 -0.85 -24.48
CA CYS D 216 -40.84 -1.32 -25.85
C CYS D 216 -39.60 -0.59 -26.35
N GLY D 217 -38.41 -1.19 -26.21
CA GLY D 217 -37.20 -0.56 -26.76
C GLY D 217 -37.36 -0.28 -28.24
N PRO D 218 -36.81 0.82 -28.79
CA PRO D 218 -36.99 1.17 -30.20
C PRO D 218 -36.37 0.10 -31.11
#